data_9I8F
#
_entry.id   9I8F
#
_cell.length_a   1.00
_cell.length_b   1.00
_cell.length_c   1.00
_cell.angle_alpha   90.00
_cell.angle_beta   90.00
_cell.angle_gamma   90.00
#
_symmetry.space_group_name_H-M   'P 1'
#
_entity_poly.entity_id   1
_entity_poly.type   'polypeptide(L)'
_entity_poly.pdbx_seq_one_letter_code
;MDFLDRNAAPLNEGEWQRIDEAVVSTARRTLVARRIIDVLGPLGSGVYSIPYSVFSGKSPTGIDMVGENEEFVVEASRRA
TINLPILYKDFKIMWRDVEADRHLGLPIDVSTAAVAGNFVAVQEDHLIFNGNVELGHDGLFTVKDRQTVAISDWNETGAA
LADVVKAVGALSQAGHYGPYAMVVSPVLFGRMIRVFGWTGMLELDQVKALITGGVHYSNVIGGSKAVVVATGSQNLNLAL
GQDMVTAYMGPTSMNHVFRVLETAALLVRRPDAICTIE
;
_entity_poly.pdbx_strand_id   C,D,B,A
#
# COMPACT_ATOMS: atom_id res chain seq x y z
N MET A 1 -14.56 -7.02 15.90
CA MET A 1 -13.86 -8.07 15.18
C MET A 1 -13.86 -9.39 15.95
N ASP A 2 -14.79 -10.28 15.57
CA ASP A 2 -15.34 -11.27 16.49
C ASP A 2 -14.88 -12.68 16.20
N PHE A 3 -14.43 -12.96 14.97
CA PHE A 3 -14.09 -14.30 14.52
C PHE A 3 -12.81 -14.85 15.13
N LEU A 4 -12.14 -14.11 16.02
CA LEU A 4 -10.91 -14.57 16.63
C LEU A 4 -11.17 -14.88 18.11
N ASP A 5 -10.98 -16.16 18.47
CA ASP A 5 -11.47 -16.69 19.74
C ASP A 5 -10.43 -16.49 20.85
N ARG A 6 -10.26 -15.22 21.23
CA ARG A 6 -9.40 -14.90 22.37
C ARG A 6 -9.76 -15.69 23.63
N ASN A 7 -11.03 -16.07 23.78
CA ASN A 7 -11.49 -16.78 24.96
C ASN A 7 -11.41 -18.30 24.87
N ALA A 8 -11.20 -18.85 23.67
CA ALA A 8 -11.20 -20.30 23.53
C ALA A 8 -9.82 -20.92 23.75
N ALA A 9 -8.75 -20.18 23.48
CA ALA A 9 -7.42 -20.64 23.83
C ALA A 9 -7.26 -20.74 25.34
N PRO A 10 -6.30 -21.54 25.81
CA PRO A 10 -6.05 -21.63 27.26
C PRO A 10 -5.38 -20.38 27.81
N LEU A 11 -4.68 -19.63 26.97
CA LEU A 11 -3.85 -18.53 27.43
C LEU A 11 -4.69 -17.44 28.09
N ASN A 12 -4.24 -16.96 29.24
CA ASN A 12 -4.83 -15.77 29.83
C ASN A 12 -4.43 -14.53 29.04
N GLU A 13 -5.08 -13.41 29.37
CA GLU A 13 -4.87 -12.18 28.62
C GLU A 13 -3.47 -11.61 28.76
N GLY A 14 -2.78 -11.88 29.87
CA GLY A 14 -1.36 -11.55 29.93
C GLY A 14 -0.53 -12.38 28.97
N GLU A 15 -0.87 -13.65 28.81
CA GLU A 15 -0.22 -14.50 27.82
C GLU A 15 -0.62 -14.15 26.40
N TRP A 16 -1.80 -13.56 26.21
CA TRP A 16 -2.11 -12.97 24.91
C TRP A 16 -1.28 -11.72 24.67
N GLN A 17 -1.20 -10.84 25.67
CA GLN A 17 -0.40 -9.63 25.56
C GLN A 17 1.04 -9.94 25.14
N ARG A 18 1.64 -10.93 25.81
CA ARG A 18 2.97 -11.41 25.45
C ARG A 18 3.08 -11.72 23.96
N ILE A 19 2.15 -12.52 23.44
CA ILE A 19 2.32 -13.04 22.08
C ILE A 19 1.93 -12.00 21.03
N ASP A 20 0.96 -11.14 21.33
CA ASP A 20 0.68 -10.03 20.43
C ASP A 20 1.85 -9.07 20.35
N GLU A 21 2.47 -8.73 21.48
CA GLU A 21 3.69 -7.92 21.40
C GLU A 21 4.79 -8.64 20.65
N ALA A 22 4.91 -9.96 20.83
CA ALA A 22 5.89 -10.74 20.09
C ALA A 22 5.65 -10.69 18.58
N VAL A 23 4.40 -10.52 18.17
CA VAL A 23 4.10 -10.32 16.74
C VAL A 23 4.44 -8.89 16.30
N VAL A 24 3.90 -7.90 17.01
CA VAL A 24 4.03 -6.51 16.59
C VAL A 24 5.50 -6.05 16.58
N SER A 25 6.27 -6.43 17.60
CA SER A 25 7.68 -6.08 17.65
C SER A 25 8.54 -6.78 16.59
N THR A 26 8.02 -7.80 15.93
CA THR A 26 8.71 -8.34 14.77
C THR A 26 8.19 -7.74 13.46
N ALA A 27 6.91 -7.36 13.43
CA ALA A 27 6.35 -6.73 12.25
C ALA A 27 6.97 -5.35 12.02
N ARG A 28 6.98 -4.51 13.05
CA ARG A 28 7.52 -3.14 12.93
C ARG A 28 8.94 -3.14 12.41
N ARG A 29 9.75 -4.10 12.82
CA ARG A 29 11.15 -4.18 12.42
C ARG A 29 11.35 -4.72 11.01
N THR A 30 10.28 -5.01 10.28
CA THR A 30 10.41 -5.57 8.93
C THR A 30 9.49 -4.94 7.90
N LEU A 31 8.37 -4.34 8.29
CA LEU A 31 7.50 -3.68 7.32
C LEU A 31 8.20 -2.49 6.69
N VAL A 32 8.34 -2.53 5.36
CA VAL A 32 8.77 -1.35 4.60
C VAL A 32 7.57 -0.56 4.10
N ALA A 33 6.66 -1.24 3.40
CA ALA A 33 5.64 -0.55 2.59
C ALA A 33 4.82 0.43 3.41
N ARG A 34 4.48 0.07 4.65
CA ARG A 34 3.75 0.99 5.52
C ARG A 34 4.50 2.28 5.81
N ARG A 35 5.79 2.34 5.51
CA ARG A 35 6.55 3.57 5.63
C ARG A 35 6.68 4.31 4.32
N ILE A 36 6.53 3.62 3.20
CA ILE A 36 6.58 4.24 1.88
C ILE A 36 5.20 4.73 1.45
N ILE A 37 4.17 3.95 1.73
CA ILE A 37 2.85 4.08 1.14
C ILE A 37 1.84 4.22 2.27
N ASP A 38 0.84 5.07 2.06
CA ASP A 38 -0.14 5.32 3.11
C ASP A 38 -1.07 4.13 3.29
N VAL A 39 -1.33 3.79 4.55
CA VAL A 39 -2.34 2.79 4.90
C VAL A 39 -3.72 3.37 4.64
N LEU A 40 -4.50 2.67 3.82
CA LEU A 40 -5.93 2.94 3.72
C LEU A 40 -6.68 2.22 4.83
N GLY A 41 -7.56 2.93 5.52
CA GLY A 41 -8.34 2.36 6.59
C GLY A 41 -7.54 2.22 7.87
N PRO A 42 -7.46 1.01 8.43
CA PRO A 42 -7.93 -0.28 7.91
C PRO A 42 -9.45 -0.41 7.92
N LEU A 43 -10.00 -1.14 6.94
CA LEU A 43 -11.44 -1.17 6.71
C LEU A 43 -12.20 -2.07 7.68
N GLY A 44 -11.49 -2.89 8.45
CA GLY A 44 -12.13 -3.90 9.27
C GLY A 44 -12.23 -5.24 8.57
N SER A 45 -12.70 -6.22 9.34
CA SER A 45 -12.60 -7.63 8.95
C SER A 45 -13.38 -7.91 7.69
N GLY A 46 -12.75 -8.66 6.77
CA GLY A 46 -13.46 -9.29 5.68
C GLY A 46 -14.08 -8.36 4.66
N VAL A 47 -13.67 -7.09 4.62
CA VAL A 47 -14.13 -6.21 3.56
C VAL A 47 -13.52 -6.70 2.25
N TYR A 48 -14.24 -7.58 1.56
CA TYR A 48 -13.61 -8.56 0.68
C TYR A 48 -12.93 -7.92 -0.52
N SER A 49 -13.55 -6.91 -1.12
CA SER A 49 -12.98 -6.29 -2.31
C SER A 49 -13.29 -4.81 -2.33
N ILE A 50 -12.38 -4.04 -2.92
CA ILE A 50 -12.42 -2.59 -2.89
C ILE A 50 -12.54 -2.10 -4.33
N PRO A 51 -13.51 -1.26 -4.66
CA PRO A 51 -13.49 -0.54 -5.94
C PRO A 51 -12.59 0.68 -5.87
N TYR A 52 -11.90 0.95 -6.99
CA TYR A 52 -10.99 2.08 -7.06
C TYR A 52 -10.93 2.58 -8.50
N SER A 53 -10.43 3.80 -8.65
CA SER A 53 -10.44 4.51 -9.93
C SER A 53 -9.03 4.78 -10.43
N VAL A 54 -8.75 4.39 -11.67
CA VAL A 54 -7.44 4.54 -12.28
C VAL A 54 -7.51 5.72 -13.24
N PHE A 55 -6.65 6.72 -13.03
CA PHE A 55 -6.70 7.99 -13.73
C PHE A 55 -5.51 8.19 -14.67
N SER A 56 -5.13 7.14 -15.40
CA SER A 56 -4.16 7.30 -16.48
C SER A 56 -4.70 8.27 -17.53
N GLY A 57 -3.77 8.89 -18.25
CA GLY A 57 -4.12 9.86 -19.27
C GLY A 57 -4.55 11.21 -18.71
N LYS A 58 -4.84 12.12 -19.63
CA LYS A 58 -5.12 13.52 -19.32
C LYS A 58 -6.20 14.05 -20.24
N SER A 59 -6.81 15.15 -19.82
CA SER A 59 -7.77 15.86 -20.66
C SER A 59 -7.74 17.34 -20.27
N PRO A 60 -8.15 18.23 -21.16
CA PRO A 60 -7.89 19.65 -20.94
C PRO A 60 -8.66 20.21 -19.76
N THR A 61 -8.04 21.18 -19.08
CA THR A 61 -8.73 21.97 -18.08
C THR A 61 -9.44 23.14 -18.74
N GLY A 62 -10.58 23.53 -18.17
CA GLY A 62 -11.29 24.71 -18.67
C GLY A 62 -10.66 25.99 -18.20
N ILE A 63 -10.36 26.87 -19.16
CA ILE A 63 -10.13 28.29 -18.91
C ILE A 63 -11.06 29.09 -19.83
N ASP A 64 -11.96 29.85 -19.22
CA ASP A 64 -12.86 30.70 -19.99
C ASP A 64 -13.43 31.78 -19.09
N MET A 65 -13.93 32.84 -19.70
CA MET A 65 -14.31 34.03 -18.94
C MET A 65 -15.59 33.79 -18.15
N VAL A 66 -16.46 32.90 -18.64
CA VAL A 66 -17.67 32.49 -17.94
C VAL A 66 -17.86 31.00 -18.15
N GLY A 67 -18.41 30.33 -17.13
CA GLY A 67 -18.53 28.89 -17.16
C GLY A 67 -19.71 28.42 -17.98
N GLU A 68 -19.42 27.93 -19.19
CA GLU A 68 -20.45 27.56 -20.15
C GLU A 68 -20.24 26.20 -20.81
N ASN A 69 -19.04 25.62 -20.71
CA ASN A 69 -18.74 24.34 -21.35
C ASN A 69 -18.60 23.26 -20.30
N GLU A 70 -19.30 22.13 -20.53
CA GLU A 70 -19.30 20.99 -19.62
C GLU A 70 -18.36 19.87 -20.07
N GLU A 71 -17.63 20.04 -21.17
CA GLU A 71 -16.72 18.99 -21.65
C GLU A 71 -15.65 18.62 -20.63
N PHE A 72 -15.35 19.53 -19.69
CA PHE A 72 -14.14 19.44 -18.87
C PHE A 72 -14.38 18.62 -17.60
N VAL A 73 -14.68 17.34 -17.81
CA VAL A 73 -15.04 16.43 -16.72
C VAL A 73 -13.92 15.41 -16.52
N VAL A 74 -13.60 15.15 -15.26
CA VAL A 74 -12.72 14.06 -14.86
C VAL A 74 -13.45 12.73 -15.03
N GLU A 75 -12.86 11.82 -15.82
CA GLU A 75 -13.32 10.44 -15.89
C GLU A 75 -12.13 9.50 -15.77
N ALA A 76 -12.32 8.42 -15.00
CA ALA A 76 -11.28 7.41 -14.86
C ALA A 76 -11.01 6.71 -16.18
N SER A 77 -9.74 6.36 -16.41
CA SER A 77 -9.41 5.45 -17.50
C SER A 77 -10.07 4.09 -17.38
N ARG A 78 -10.26 3.59 -16.15
CA ARG A 78 -11.30 2.61 -15.87
C ARG A 78 -11.71 2.70 -14.42
N ARG A 79 -13.00 2.44 -14.17
CA ARG A 79 -13.41 1.89 -12.89
C ARG A 79 -12.80 0.51 -12.70
N ALA A 80 -12.31 0.23 -11.49
CA ALA A 80 -11.63 -1.02 -11.23
C ALA A 80 -11.97 -1.50 -9.83
N THR A 81 -11.66 -2.77 -9.57
CA THR A 81 -11.91 -3.40 -8.28
C THR A 81 -10.85 -4.46 -8.05
N ILE A 82 -10.43 -4.63 -6.79
CA ILE A 82 -9.34 -5.53 -6.45
C ILE A 82 -9.76 -6.40 -5.26
N ASN A 83 -9.29 -7.64 -5.27
CA ASN A 83 -9.64 -8.62 -4.24
C ASN A 83 -8.57 -8.63 -3.16
N LEU A 84 -8.99 -8.48 -1.90
CA LEU A 84 -8.07 -8.53 -0.78
C LEU A 84 -7.76 -9.98 -0.40
N PRO A 85 -6.54 -10.46 -0.65
CA PRO A 85 -6.16 -11.79 -0.20
C PRO A 85 -5.88 -11.83 1.29
N ILE A 86 -5.76 -13.05 1.81
CA ILE A 86 -5.31 -13.29 3.17
C ILE A 86 -3.84 -13.62 3.14
N LEU A 87 -3.07 -12.97 3.99
CA LEU A 87 -1.71 -13.37 4.32
C LEU A 87 -1.73 -14.05 5.69
N TYR A 88 -1.19 -15.26 5.76
CA TYR A 88 -1.23 -15.98 7.02
C TYR A 88 -0.08 -16.97 7.11
N LYS A 89 0.29 -17.30 8.35
CA LYS A 89 1.05 -18.50 8.65
C LYS A 89 0.70 -18.94 10.06
N ASP A 90 0.86 -20.23 10.31
CA ASP A 90 0.42 -20.85 11.56
C ASP A 90 1.61 -21.32 12.38
N PHE A 91 1.44 -21.33 13.69
CA PHE A 91 2.44 -21.84 14.61
C PHE A 91 1.75 -22.58 15.75
N LYS A 92 2.45 -23.54 16.36
CA LYS A 92 1.82 -24.58 17.16
C LYS A 92 2.47 -24.59 18.54
N ILE A 93 1.79 -23.98 19.52
CA ILE A 93 2.28 -24.00 20.89
C ILE A 93 2.05 -25.38 21.49
N MET A 94 3.13 -26.02 21.93
CA MET A 94 3.02 -27.34 22.53
C MET A 94 2.35 -27.28 23.90
N TRP A 95 1.44 -28.23 24.15
CA TRP A 95 0.56 -28.14 25.30
C TRP A 95 1.31 -28.34 26.61
N ARG A 96 2.31 -29.23 26.61
CA ARG A 96 3.13 -29.45 27.79
C ARG A 96 3.78 -28.17 28.29
N ASP A 97 4.42 -27.43 27.38
CA ASP A 97 5.20 -26.26 27.77
C ASP A 97 4.36 -25.23 28.52
N VAL A 98 3.11 -25.06 28.09
CA VAL A 98 2.13 -24.13 28.67
C VAL A 98 1.92 -24.30 30.18
N GLU A 99 2.26 -25.44 30.76
CA GLU A 99 2.38 -25.49 32.21
C GLU A 99 3.68 -26.13 32.69
N ALA A 100 4.57 -26.52 31.79
CA ALA A 100 5.91 -26.94 32.18
C ALA A 100 6.78 -25.73 32.48
N ASP A 101 6.99 -24.88 31.47
CA ASP A 101 7.83 -23.72 31.68
C ASP A 101 7.14 -22.64 32.50
N ARG A 102 5.81 -22.67 32.60
CA ARG A 102 5.14 -21.93 33.67
C ARG A 102 5.76 -22.19 35.03
N HIS A 103 6.05 -23.45 35.35
CA HIS A 103 6.72 -23.76 36.61
C HIS A 103 8.23 -23.83 36.51
N LEU A 104 8.80 -23.70 35.30
CA LEU A 104 10.14 -23.15 35.19
C LEU A 104 10.19 -21.66 35.46
N GLY A 105 9.03 -21.00 35.58
CA GLY A 105 8.93 -19.56 35.58
C GLY A 105 9.17 -18.91 34.24
N LEU A 106 9.35 -19.67 33.18
CA LEU A 106 9.45 -19.10 31.84
C LEU A 106 8.09 -18.54 31.41
N PRO A 107 8.04 -17.31 30.93
CA PRO A 107 6.94 -16.93 30.04
C PRO A 107 6.86 -17.88 28.85
N ILE A 108 5.65 -18.04 28.31
CA ILE A 108 5.45 -18.88 27.14
C ILE A 108 6.48 -18.56 26.07
N ASP A 109 7.03 -19.61 25.45
CA ASP A 109 7.91 -19.44 24.31
C ASP A 109 7.11 -18.87 23.15
N VAL A 110 7.34 -17.58 22.85
CA VAL A 110 6.68 -16.91 21.74
C VAL A 110 7.45 -17.00 20.43
N SER A 111 8.59 -17.69 20.40
CA SER A 111 9.53 -17.55 19.29
C SER A 111 8.90 -17.89 17.95
N THR A 112 8.09 -18.95 17.91
CA THR A 112 7.42 -19.28 16.65
C THR A 112 6.43 -18.20 16.23
N ALA A 113 5.85 -17.48 17.19
CA ALA A 113 4.94 -16.40 16.81
C ALA A 113 5.69 -15.24 16.16
N ALA A 114 6.88 -14.92 16.67
CA ALA A 114 7.76 -13.99 15.99
C ALA A 114 8.14 -14.46 14.60
N VAL A 115 8.48 -15.75 14.44
CA VAL A 115 8.79 -16.28 13.12
C VAL A 115 7.59 -16.18 12.18
N ALA A 116 6.40 -16.45 12.69
CA ALA A 116 5.19 -16.31 11.88
C ALA A 116 4.98 -14.86 11.45
N GLY A 117 5.04 -13.92 12.40
CA GLY A 117 4.99 -12.50 12.05
C GLY A 117 6.01 -12.08 11.01
N ASN A 118 7.22 -12.63 11.10
CA ASN A 118 8.23 -12.37 10.09
C ASN A 118 7.81 -12.88 8.72
N PHE A 119 7.40 -14.16 8.63
CA PHE A 119 7.03 -14.70 7.33
C PHE A 119 5.80 -14.03 6.75
N VAL A 120 4.88 -13.58 7.61
CA VAL A 120 3.76 -12.73 7.18
C VAL A 120 4.28 -11.45 6.54
N ALA A 121 5.08 -10.67 7.27
CA ALA A 121 5.57 -9.40 6.73
C ALA A 121 6.45 -9.60 5.48
N VAL A 122 7.10 -10.75 5.36
CA VAL A 122 7.83 -11.05 4.13
C VAL A 122 6.86 -11.29 2.98
N GLN A 123 5.78 -12.03 3.22
CA GLN A 123 4.85 -12.26 2.11
C GLN A 123 4.14 -10.98 1.74
N GLU A 124 3.83 -10.16 2.74
CA GLU A 124 3.33 -8.79 2.55
C GLU A 124 4.20 -7.99 1.60
N ASP A 125 5.50 -7.89 1.90
CA ASP A 125 6.42 -7.22 0.99
C ASP A 125 6.43 -7.87 -0.39
N HIS A 126 6.49 -9.19 -0.45
CA HIS A 126 6.60 -9.87 -1.74
C HIS A 126 5.39 -9.57 -2.62
N LEU A 127 4.20 -9.58 -2.02
CA LEU A 127 2.98 -9.16 -2.72
C LEU A 127 3.06 -7.72 -3.17
N ILE A 128 3.36 -6.79 -2.25
CA ILE A 128 3.28 -5.38 -2.58
C ILE A 128 4.28 -5.01 -3.67
N PHE A 129 5.56 -5.32 -3.45
CA PHE A 129 6.58 -4.95 -4.43
C PHE A 129 6.45 -5.80 -5.70
N ASN A 130 6.43 -7.12 -5.58
CA ASN A 130 6.62 -7.99 -6.72
C ASN A 130 5.31 -8.54 -7.29
N GLY A 131 4.16 -8.14 -6.74
CA GLY A 131 2.90 -8.67 -7.21
C GLY A 131 2.69 -10.13 -6.83
N ASN A 132 1.65 -10.70 -7.43
CA ASN A 132 1.43 -12.14 -7.38
C ASN A 132 0.85 -12.62 -8.70
N VAL A 133 1.31 -13.80 -9.15
CA VAL A 133 0.87 -14.35 -10.43
C VAL A 133 -0.52 -14.96 -10.30
N GLU A 134 -0.73 -15.78 -9.27
CA GLU A 134 -1.98 -16.53 -9.14
C GLU A 134 -3.17 -15.60 -8.93
N LEU A 135 -3.06 -14.66 -7.99
CA LEU A 135 -4.11 -13.69 -7.76
C LEU A 135 -4.18 -12.63 -8.85
N GLY A 136 -3.15 -12.52 -9.69
CA GLY A 136 -3.10 -11.48 -10.70
C GLY A 136 -2.82 -10.08 -10.18
N HIS A 137 -2.50 -9.93 -8.89
CA HIS A 137 -2.09 -8.63 -8.38
C HIS A 137 -0.88 -8.12 -9.16
N ASP A 138 -0.99 -6.92 -9.72
CA ASP A 138 0.18 -6.19 -10.12
C ASP A 138 0.84 -5.51 -8.93
N GLY A 139 2.18 -5.56 -8.91
CA GLY A 139 2.97 -4.84 -7.94
C GLY A 139 3.66 -3.64 -8.56
N LEU A 140 4.35 -2.89 -7.69
CA LEU A 140 5.02 -1.67 -8.13
C LEU A 140 6.00 -1.96 -9.27
N PHE A 141 6.65 -3.11 -9.21
CA PHE A 141 7.60 -3.54 -10.24
C PHE A 141 6.94 -4.19 -11.44
N THR A 142 5.61 -4.28 -11.49
CA THR A 142 4.96 -5.02 -12.57
C THR A 142 3.90 -4.21 -13.30
N VAL A 143 3.31 -3.20 -12.64
CA VAL A 143 2.24 -2.44 -13.28
C VAL A 143 2.76 -1.79 -14.56
N LYS A 144 1.95 -1.88 -15.62
CA LYS A 144 2.49 -1.78 -16.97
C LYS A 144 2.62 -0.34 -17.45
N ASP A 145 1.81 0.57 -16.95
CA ASP A 145 1.89 1.97 -17.35
C ASP A 145 2.94 2.77 -16.57
N ARG A 146 3.67 2.14 -15.65
CA ARG A 146 4.68 2.85 -14.89
C ARG A 146 5.77 3.41 -15.79
N GLN A 147 6.46 4.42 -15.28
CA GLN A 147 7.69 4.91 -15.91
C GLN A 147 8.83 3.92 -15.69
N THR A 148 9.79 3.93 -16.62
CA THR A 148 10.99 3.12 -16.47
C THR A 148 12.21 3.95 -16.85
N VAL A 149 13.26 3.83 -16.05
CA VAL A 149 14.57 4.42 -16.31
C VAL A 149 15.59 3.31 -16.46
N ALA A 150 16.32 3.31 -17.57
CA ALA A 150 17.40 2.34 -17.74
C ALA A 150 18.52 2.63 -16.75
N ILE A 151 18.81 1.65 -15.89
CA ILE A 151 19.78 1.85 -14.81
C ILE A 151 21.19 2.01 -15.36
N SER A 152 21.96 2.91 -14.75
CA SER A 152 23.38 3.02 -15.04
C SER A 152 24.17 1.98 -14.24
N ASP A 153 25.44 1.85 -14.56
CA ASP A 153 26.37 1.07 -13.74
C ASP A 153 26.69 1.86 -12.48
N TRP A 154 26.01 1.52 -11.38
CA TRP A 154 26.23 2.19 -10.10
C TRP A 154 27.58 1.88 -9.46
N ASN A 155 28.47 1.14 -10.13
CA ASN A 155 29.85 1.07 -9.70
C ASN A 155 30.61 2.37 -9.89
N GLU A 156 30.12 3.27 -10.75
CA GLU A 156 30.69 4.60 -10.84
C GLU A 156 30.24 5.47 -9.67
N THR A 157 30.99 6.54 -9.44
CA THR A 157 30.61 7.56 -8.47
C THR A 157 29.59 8.51 -9.10
N GLY A 158 28.51 8.80 -8.38
CA GLY A 158 27.49 9.69 -8.85
C GLY A 158 26.52 9.11 -9.85
N ALA A 159 26.79 7.91 -10.37
CA ALA A 159 25.89 7.30 -11.35
C ALA A 159 24.52 7.04 -10.74
N ALA A 160 24.48 6.63 -9.46
CA ALA A 160 23.22 6.40 -8.79
C ALA A 160 22.46 7.71 -8.59
N LEU A 161 23.16 8.77 -8.19
CA LEU A 161 22.55 10.09 -8.13
C LEU A 161 21.99 10.51 -9.48
N ALA A 162 22.75 10.27 -10.56
CA ALA A 162 22.28 10.59 -11.91
C ALA A 162 21.03 9.80 -12.29
N ASP A 163 20.94 8.54 -11.86
CA ASP A 163 19.72 7.77 -12.13
C ASP A 163 18.54 8.24 -11.30
N VAL A 164 18.78 8.58 -10.03
CA VAL A 164 17.74 9.23 -9.23
C VAL A 164 17.25 10.52 -9.88
N VAL A 165 18.17 11.31 -10.43
CA VAL A 165 17.80 12.51 -11.17
C VAL A 165 16.94 12.17 -12.38
N LYS A 166 17.34 11.16 -13.16
CA LYS A 166 16.50 10.70 -14.26
C LYS A 166 15.10 10.31 -13.81
N ALA A 167 15.00 9.59 -12.70
CA ALA A 167 13.70 9.17 -12.19
C ALA A 167 12.84 10.35 -11.75
N VAL A 168 13.42 11.31 -11.02
CA VAL A 168 12.66 12.51 -10.66
C VAL A 168 12.29 13.35 -11.88
N GLY A 169 13.14 13.32 -12.92
CA GLY A 169 12.73 13.88 -14.21
C GLY A 169 11.48 13.22 -14.76
N ALA A 170 11.49 11.89 -14.87
CA ALA A 170 10.35 11.17 -15.43
C ALA A 170 9.09 11.30 -14.58
N LEU A 171 9.24 11.43 -13.26
CA LEU A 171 8.08 11.69 -12.42
C LEU A 171 7.58 13.13 -12.52
N SER A 172 8.50 14.10 -12.50
CA SER A 172 8.09 15.50 -12.55
C SER A 172 7.54 15.88 -13.93
N GLN A 173 8.09 15.31 -15.00
CA GLN A 173 7.48 15.48 -16.32
C GLN A 173 6.03 15.05 -16.33
N ALA A 174 5.68 14.01 -15.56
CA ALA A 174 4.29 13.58 -15.49
C ALA A 174 3.45 14.43 -14.54
N GLY A 175 4.03 15.46 -13.93
CA GLY A 175 3.30 16.35 -13.05
C GLY A 175 3.23 15.91 -11.60
N HIS A 176 3.89 14.83 -11.24
CA HIS A 176 3.98 14.38 -9.85
C HIS A 176 5.23 14.99 -9.23
N TYR A 177 5.05 16.10 -8.51
CA TYR A 177 6.13 16.66 -7.71
C TYR A 177 6.25 15.90 -6.39
N GLY A 178 7.34 16.16 -5.68
CA GLY A 178 7.63 15.50 -4.43
C GLY A 178 6.64 15.80 -3.33
N PRO A 179 6.86 15.20 -2.15
CA PRO A 179 8.02 14.38 -1.78
C PRO A 179 7.95 12.99 -2.38
N TYR A 180 9.00 12.61 -3.12
CA TYR A 180 9.16 11.24 -3.58
C TYR A 180 9.63 10.34 -2.44
N ALA A 181 9.59 9.03 -2.68
CA ALA A 181 10.35 8.08 -1.89
C ALA A 181 10.88 6.99 -2.81
N MET A 182 11.94 6.32 -2.35
CA MET A 182 12.59 5.29 -3.13
C MET A 182 12.84 4.07 -2.26
N VAL A 183 12.75 2.89 -2.87
CA VAL A 183 13.16 1.64 -2.22
C VAL A 183 14.07 0.89 -3.18
N VAL A 184 15.19 0.38 -2.66
CA VAL A 184 16.30 -0.09 -3.49
C VAL A 184 16.66 -1.49 -3.02
N SER A 185 17.03 -2.36 -3.96
CA SER A 185 17.59 -3.64 -3.57
C SER A 185 18.95 -3.45 -2.90
N PRO A 186 19.24 -4.21 -1.84
CA PRO A 186 20.45 -3.95 -1.05
C PRO A 186 21.74 -4.14 -1.81
N VAL A 187 21.75 -4.98 -2.85
CA VAL A 187 22.90 -5.09 -3.74
C VAL A 187 23.24 -3.75 -4.37
N LEU A 188 22.26 -2.89 -4.59
CA LEU A 188 22.53 -1.53 -5.02
C LEU A 188 22.74 -0.58 -3.86
N PHE A 189 21.92 -0.67 -2.81
CA PHE A 189 22.04 0.25 -1.68
C PHE A 189 23.44 0.22 -1.08
N GLY A 190 24.05 -0.96 -0.98
CA GLY A 190 25.42 -1.07 -0.51
C GLY A 190 26.44 -0.34 -1.37
N ARG A 191 26.08 0.06 -2.59
CA ARG A 191 26.95 0.90 -3.41
C ARG A 191 26.52 2.35 -3.49
N MET A 192 25.37 2.71 -2.92
CA MET A 192 25.03 4.11 -2.71
C MET A 192 25.71 4.72 -1.49
N ILE A 193 26.38 3.93 -0.67
CA ILE A 193 27.19 4.47 0.43
C ILE A 193 28.58 4.77 -0.11
N ARG A 194 28.78 6.02 -0.50
CA ARG A 194 30.04 6.55 -0.98
C ARG A 194 30.15 7.99 -0.51
N VAL A 195 31.38 8.43 -0.22
CA VAL A 195 31.61 9.86 -0.01
C VAL A 195 31.65 10.56 -1.36
N PHE A 196 30.94 11.68 -1.47
CA PHE A 196 30.61 12.26 -2.76
C PHE A 196 31.38 13.56 -2.96
N GLY A 197 32.13 13.64 -4.07
CA GLY A 197 32.91 14.81 -4.38
C GLY A 197 33.95 15.13 -3.33
N TRP A 198 34.08 16.43 -3.04
CA TRP A 198 34.73 16.92 -1.82
C TRP A 198 33.72 17.30 -0.75
N THR A 199 32.50 16.78 -0.83
CA THR A 199 31.42 17.28 0.01
C THR A 199 31.51 16.77 1.44
N GLY A 200 32.27 15.69 1.67
CA GLY A 200 32.44 15.15 3.00
C GLY A 200 31.24 14.45 3.58
N MET A 201 30.25 14.10 2.77
CA MET A 201 29.07 13.41 3.25
C MET A 201 28.53 12.53 2.13
N LEU A 202 27.65 11.61 2.50
CA LEU A 202 27.45 10.41 1.69
C LEU A 202 26.52 10.67 0.51
N GLU A 203 26.80 9.97 -0.59
CA GLU A 203 25.91 10.01 -1.75
C GLU A 203 24.49 9.63 -1.36
N LEU A 204 24.35 8.63 -0.48
CA LEU A 204 23.05 8.29 0.07
C LEU A 204 22.38 9.47 0.78
N ASP A 205 23.17 10.34 1.41
CA ASP A 205 22.59 11.51 2.04
C ASP A 205 22.29 12.63 1.06
N GLN A 206 23.05 12.73 -0.04
CA GLN A 206 22.60 13.59 -1.14
C GLN A 206 21.25 13.13 -1.69
N VAL A 207 21.09 11.84 -1.89
CA VAL A 207 19.81 11.30 -2.34
C VAL A 207 18.71 11.62 -1.33
N LYS A 208 18.96 11.35 -0.04
CA LYS A 208 17.96 11.68 0.96
C LYS A 208 17.66 13.17 1.01
N ALA A 209 18.63 14.00 0.61
CA ALA A 209 18.35 15.43 0.50
C ALA A 209 17.45 15.71 -0.68
N LEU A 210 17.50 14.86 -1.70
CA LEU A 210 16.63 14.98 -2.87
C LEU A 210 15.34 14.19 -2.69
N ILE A 211 15.46 12.91 -2.32
CA ILE A 211 14.32 12.02 -2.10
C ILE A 211 13.90 12.14 -0.64
N THR A 212 13.26 13.26 -0.30
CA THR A 212 13.05 13.62 1.10
C THR A 212 12.09 12.69 1.82
N GLY A 213 11.28 11.93 1.10
CA GLY A 213 10.42 10.96 1.76
C GLY A 213 11.10 9.70 2.24
N GLY A 214 12.40 9.59 2.08
CA GLY A 214 13.19 8.50 2.64
C GLY A 214 13.69 7.54 1.59
N VAL A 215 14.77 6.85 1.94
CA VAL A 215 15.34 5.78 1.13
C VAL A 215 15.43 4.53 1.99
N HIS A 216 15.01 3.39 1.44
CA HIS A 216 14.98 2.15 2.18
C HIS A 216 15.42 1.01 1.28
N TYR A 217 15.67 -0.15 1.89
CA TYR A 217 15.92 -1.38 1.15
C TYR A 217 15.13 -2.53 1.76
N SER A 218 14.71 -3.45 0.90
CA SER A 218 14.25 -4.76 1.35
C SER A 218 14.72 -5.83 0.40
N ASN A 219 15.13 -6.97 0.97
CA ASN A 219 15.71 -8.08 0.21
C ASN A 219 14.74 -8.67 -0.81
N VAL A 220 13.43 -8.43 -0.63
CA VAL A 220 12.43 -8.89 -1.59
C VAL A 220 12.70 -8.39 -3.01
N ILE A 221 13.26 -7.20 -3.16
CA ILE A 221 13.53 -6.70 -4.51
C ILE A 221 14.73 -7.45 -5.07
N GLY A 222 14.46 -8.29 -6.08
CA GLY A 222 15.52 -9.10 -6.67
C GLY A 222 16.44 -8.29 -7.56
N GLY A 223 17.71 -8.69 -7.58
CA GLY A 223 18.70 -8.16 -8.48
C GLY A 223 19.00 -6.68 -8.27
N SER A 224 19.47 -6.06 -9.35
CA SER A 224 19.76 -4.62 -9.38
C SER A 224 18.55 -3.86 -9.88
N LYS A 225 17.66 -3.47 -8.97
CA LYS A 225 16.50 -2.66 -9.33
C LYS A 225 16.18 -1.71 -8.19
N ALA A 226 15.46 -0.64 -8.54
CA ALA A 226 14.90 0.25 -7.54
C ALA A 226 13.61 0.85 -8.09
N VAL A 227 12.80 1.41 -7.19
CA VAL A 227 11.55 2.05 -7.55
C VAL A 227 11.45 3.38 -6.81
N VAL A 228 11.00 4.42 -7.52
CA VAL A 228 10.76 5.73 -6.94
C VAL A 228 9.27 6.02 -6.99
N VAL A 229 8.70 6.41 -5.85
CA VAL A 229 7.26 6.53 -5.68
C VAL A 229 6.92 7.95 -5.25
N ALA A 230 6.01 8.58 -5.97
CA ALA A 230 5.38 9.82 -5.53
C ALA A 230 4.40 9.51 -4.41
N THR A 231 4.85 9.66 -3.17
CA THR A 231 4.08 9.24 -2.00
C THR A 231 2.76 9.99 -1.90
N GLY A 232 1.84 9.39 -1.15
CA GLY A 232 0.57 10.02 -0.81
C GLY A 232 -0.67 9.28 -1.26
N SER A 233 -1.71 9.36 -0.43
CA SER A 233 -2.97 8.66 -0.67
C SER A 233 -3.62 9.04 -1.99
N GLN A 234 -3.25 10.19 -2.57
CA GLN A 234 -3.72 10.50 -3.92
C GLN A 234 -3.13 9.57 -4.97
N ASN A 235 -1.94 9.04 -4.74
CA ASN A 235 -1.28 8.23 -5.76
C ASN A 235 -1.34 6.73 -5.46
N LEU A 236 -1.07 6.34 -4.21
CA LEU A 236 -1.08 4.93 -3.83
C LEU A 236 -1.66 4.81 -2.43
N ASN A 237 -2.31 3.66 -2.18
CA ASN A 237 -2.68 3.28 -0.82
C ASN A 237 -2.39 1.80 -0.62
N LEU A 238 -2.01 1.46 0.60
CA LEU A 238 -2.07 0.09 1.09
C LEU A 238 -3.45 -0.18 1.70
N ALA A 239 -4.26 -0.94 0.98
CA ALA A 239 -5.54 -1.39 1.53
C ALA A 239 -5.29 -2.41 2.65
N LEU A 240 -5.82 -2.13 3.84
CA LEU A 240 -5.83 -3.10 4.92
C LEU A 240 -7.26 -3.49 5.24
N GLY A 241 -7.55 -4.79 5.17
CA GLY A 241 -8.77 -5.33 5.74
C GLY A 241 -8.59 -5.63 7.21
N GLN A 242 -8.42 -6.90 7.55
CA GLN A 242 -7.95 -7.29 8.87
C GLN A 242 -6.49 -6.88 9.02
N ASP A 243 -6.22 -5.91 9.89
CA ASP A 243 -4.86 -5.60 10.29
C ASP A 243 -4.25 -6.77 11.06
N MET A 244 -2.91 -6.84 11.03
CA MET A 244 -2.20 -8.04 11.47
C MET A 244 -2.57 -8.38 12.91
N VAL A 245 -3.03 -9.62 13.11
CA VAL A 245 -3.56 -10.06 14.39
C VAL A 245 -3.39 -11.57 14.47
N THR A 246 -3.49 -12.11 15.69
CA THR A 246 -3.34 -13.54 15.95
C THR A 246 -4.70 -14.15 16.25
N ALA A 247 -4.96 -15.32 15.67
CA ALA A 247 -6.23 -16.01 15.81
C ALA A 247 -6.01 -17.44 16.25
N TYR A 248 -6.81 -17.87 17.22
CA TYR A 248 -6.77 -19.25 17.69
C TYR A 248 -7.40 -20.18 16.65
N MET A 249 -6.92 -21.43 16.61
CA MET A 249 -7.45 -22.42 15.69
C MET A 249 -7.86 -23.72 16.37
N GLY A 250 -8.03 -23.70 17.69
CA GLY A 250 -8.41 -24.90 18.41
C GLY A 250 -7.27 -25.86 18.64
N PRO A 251 -7.52 -26.88 19.45
CA PRO A 251 -6.54 -27.95 19.63
C PRO A 251 -6.20 -28.67 18.33
N THR A 252 -5.09 -29.40 18.37
CA THR A 252 -4.80 -30.47 17.42
C THR A 252 -3.89 -31.45 18.15
N SER A 253 -4.26 -32.73 18.13
CA SER A 253 -3.90 -33.61 19.22
C SER A 253 -4.32 -32.91 20.51
N MET A 254 -3.38 -32.64 21.41
CA MET A 254 -3.64 -31.64 22.44
C MET A 254 -2.80 -30.38 22.26
N ASN A 255 -1.90 -30.37 21.27
CA ASN A 255 -1.13 -29.17 20.98
C ASN A 255 -2.05 -28.06 20.51
N HIS A 256 -1.68 -26.82 20.81
CA HIS A 256 -2.50 -25.67 20.44
C HIS A 256 -1.92 -25.04 19.17
N VAL A 257 -2.75 -24.91 18.14
CA VAL A 257 -2.36 -24.25 16.90
C VAL A 257 -2.91 -22.83 16.90
N PHE A 258 -2.07 -21.87 16.51
CA PHE A 258 -2.48 -20.48 16.41
C PHE A 258 -2.22 -19.99 14.98
N ARG A 259 -3.07 -19.10 14.50
CA ARG A 259 -2.85 -18.43 13.22
C ARG A 259 -2.59 -16.95 13.43
N VAL A 260 -1.58 -16.43 12.72
CA VAL A 260 -1.37 -15.01 12.54
C VAL A 260 -1.74 -14.66 11.11
N LEU A 261 -2.50 -13.58 10.92
CA LEU A 261 -2.90 -13.20 9.58
C LEU A 261 -3.02 -11.69 9.46
N GLU A 262 -2.92 -11.22 8.22
CA GLU A 262 -3.40 -9.90 7.80
C GLU A 262 -3.90 -10.00 6.37
N THR A 263 -4.84 -9.11 6.02
CA THR A 263 -5.37 -9.03 4.67
C THR A 263 -5.06 -7.66 4.07
N ALA A 264 -4.31 -7.65 2.97
CA ALA A 264 -3.80 -6.40 2.41
C ALA A 264 -3.62 -6.54 0.91
N ALA A 265 -3.74 -5.42 0.21
CA ALA A 265 -3.54 -5.37 -1.24
C ALA A 265 -3.05 -3.99 -1.63
N LEU A 266 -2.45 -3.91 -2.82
CA LEU A 266 -1.88 -2.67 -3.35
C LEU A 266 -2.85 -1.99 -4.30
N LEU A 267 -3.23 -0.75 -3.98
CA LEU A 267 -4.05 0.09 -4.84
C LEU A 267 -3.16 1.02 -5.66
N VAL A 268 -2.83 0.63 -6.87
CA VAL A 268 -2.17 1.53 -7.82
C VAL A 268 -3.19 2.48 -8.43
N ARG A 269 -3.51 3.55 -7.71
CA ARG A 269 -4.45 4.54 -8.25
C ARG A 269 -3.89 5.33 -9.42
N ARG A 270 -2.59 5.59 -9.45
CA ARG A 270 -1.96 6.26 -10.59
C ARG A 270 -0.68 5.54 -11.01
N PRO A 271 -0.73 4.71 -12.06
CA PRO A 271 0.49 4.08 -12.55
C PRO A 271 1.60 5.06 -12.94
N ASP A 272 1.25 6.22 -13.48
CA ASP A 272 2.27 7.20 -13.86
C ASP A 272 2.97 7.83 -12.67
N ALA A 273 2.44 7.69 -11.46
CA ALA A 273 3.08 8.17 -10.25
C ALA A 273 4.24 7.29 -9.79
N ILE A 274 4.48 6.17 -10.48
CA ILE A 274 5.55 5.24 -10.12
C ILE A 274 6.58 5.22 -11.25
N CYS A 275 7.85 5.23 -10.87
CA CYS A 275 8.95 4.96 -11.80
C CYS A 275 9.84 3.89 -11.21
N THR A 276 10.20 2.91 -12.03
CA THR A 276 11.16 1.87 -11.66
C THR A 276 12.48 2.13 -12.36
N ILE A 277 13.58 2.08 -11.59
CA ILE A 277 14.93 2.18 -12.12
C ILE A 277 15.46 0.76 -12.29
N GLU A 278 15.65 0.34 -13.53
CA GLU A 278 15.85 -1.07 -13.85
C GLU A 278 16.51 -1.24 -15.20
N MET B 1 18.69 -17.14 49.18
CA MET B 1 19.75 -17.70 48.35
C MET B 1 20.92 -18.18 49.21
N ASP B 2 20.74 -19.35 49.82
CA ASP B 2 21.62 -19.79 50.90
C ASP B 2 23.07 -19.85 50.44
N PHE B 3 23.31 -20.29 49.21
CA PHE B 3 24.66 -20.50 48.70
C PHE B 3 25.49 -19.23 48.62
N LEU B 4 24.89 -18.05 48.76
CA LEU B 4 25.70 -16.84 48.80
C LEU B 4 26.32 -16.61 50.18
N ASP B 5 25.62 -17.00 51.25
CA ASP B 5 26.15 -16.96 52.62
C ASP B 5 26.76 -15.61 52.98
N ARG B 6 26.19 -14.53 52.44
CA ARG B 6 26.83 -13.22 52.54
C ARG B 6 27.02 -12.76 53.98
N ASN B 7 26.25 -13.30 54.92
CA ASN B 7 26.42 -12.95 56.34
C ASN B 7 27.63 -13.61 56.98
N ALA B 8 28.11 -14.73 56.45
CA ALA B 8 29.24 -15.41 57.07
C ALA B 8 30.57 -14.73 56.79
N ALA B 9 30.68 -13.99 55.68
CA ALA B 9 31.85 -13.17 55.48
C ALA B 9 31.93 -12.05 56.54
N PRO B 10 33.15 -11.58 56.83
CA PRO B 10 33.28 -10.46 57.77
C PRO B 10 32.89 -9.12 57.19
N LEU B 11 32.90 -8.99 55.86
CA LEU B 11 32.83 -7.70 55.21
C LEU B 11 31.47 -7.05 55.43
N ASN B 12 31.48 -5.77 55.78
CA ASN B 12 30.25 -5.01 55.87
C ASN B 12 29.74 -4.67 54.47
N GLU B 13 28.52 -4.11 54.43
CA GLU B 13 27.87 -3.80 53.16
C GLU B 13 28.72 -2.90 52.29
N GLY B 14 29.30 -1.85 52.87
CA GLY B 14 30.15 -0.95 52.09
C GLY B 14 31.46 -1.59 51.69
N GLU B 15 31.96 -2.54 52.48
CA GLU B 15 33.14 -3.30 52.08
C GLU B 15 32.80 -4.34 51.02
N TRP B 16 31.62 -4.97 51.13
CA TRP B 16 31.22 -5.99 50.18
C TRP B 16 30.96 -5.39 48.80
N GLN B 17 30.20 -4.29 48.76
CA GLN B 17 29.61 -3.76 47.53
C GLN B 17 30.64 -3.61 46.41
N ARG B 18 31.82 -3.07 46.73
CA ARG B 18 32.83 -2.88 45.69
C ARG B 18 33.31 -4.18 45.07
N ILE B 19 33.22 -5.31 45.78
CA ILE B 19 33.64 -6.58 45.20
C ILE B 19 32.68 -7.01 44.10
N ASP B 20 31.37 -6.84 44.33
CA ASP B 20 30.40 -7.08 43.28
C ASP B 20 30.51 -6.07 42.15
N GLU B 21 30.69 -4.79 42.46
CA GLU B 21 30.80 -3.82 41.38
C GLU B 21 32.04 -4.08 40.53
N ALA B 22 33.15 -4.50 41.17
CA ALA B 22 34.36 -4.89 40.46
C ALA B 22 34.16 -6.10 39.57
N VAL B 23 33.31 -7.04 39.99
CA VAL B 23 32.99 -8.17 39.12
C VAL B 23 32.11 -7.72 37.96
N VAL B 24 30.96 -7.14 38.28
CA VAL B 24 29.95 -6.75 37.28
C VAL B 24 30.55 -5.87 36.19
N SER B 25 31.23 -4.79 36.59
CA SER B 25 31.80 -3.89 35.58
C SER B 25 32.84 -4.57 34.69
N THR B 26 33.61 -5.51 35.21
CA THR B 26 34.55 -6.20 34.34
C THR B 26 33.83 -7.21 33.44
N ALA B 27 32.73 -7.77 33.90
CA ALA B 27 31.92 -8.60 33.02
C ALA B 27 31.39 -7.76 31.87
N ARG B 28 30.79 -6.61 32.18
CA ARG B 28 30.26 -5.72 31.15
C ARG B 28 31.34 -5.32 30.16
N ARG B 29 32.57 -5.09 30.64
CA ARG B 29 33.65 -4.79 29.72
C ARG B 29 34.11 -6.01 28.93
N THR B 30 33.83 -7.22 29.41
CA THR B 30 34.37 -8.44 28.81
C THR B 30 33.36 -9.21 27.98
N LEU B 31 32.11 -9.30 28.42
CA LEU B 31 31.11 -10.15 27.77
C LEU B 31 30.79 -9.62 26.38
N VAL B 32 31.34 -10.28 25.36
CA VAL B 32 31.02 -9.95 23.97
C VAL B 32 29.68 -10.54 23.55
N ALA B 33 29.42 -11.80 23.90
CA ALA B 33 28.24 -12.50 23.41
C ALA B 33 26.94 -11.82 23.84
N ARG B 34 26.85 -11.37 25.10
CA ARG B 34 25.64 -10.70 25.55
C ARG B 34 25.35 -9.38 24.84
N ARG B 35 26.28 -8.89 24.02
CA ARG B 35 25.97 -7.75 23.16
C ARG B 35 25.15 -8.15 21.94
N ILE B 36 25.25 -9.40 21.50
CA ILE B 36 24.68 -9.82 20.23
C ILE B 36 23.71 -10.98 20.37
N ILE B 37 23.75 -11.72 21.47
CA ILE B 37 22.78 -12.77 21.77
C ILE B 37 21.97 -12.33 22.97
N ASP B 38 20.65 -12.34 22.83
CA ASP B 38 19.77 -11.85 23.90
C ASP B 38 19.84 -12.75 25.12
N VAL B 39 19.92 -12.13 26.30
CA VAL B 39 19.76 -12.84 27.55
C VAL B 39 18.33 -13.33 27.70
N LEU B 40 18.18 -14.60 28.06
CA LEU B 40 16.91 -15.15 28.51
C LEU B 40 16.97 -15.35 30.01
N GLY B 41 15.95 -14.86 30.71
CA GLY B 41 15.95 -14.90 32.16
C GLY B 41 16.58 -13.68 32.79
N PRO B 42 17.31 -13.86 33.90
CA PRO B 42 17.75 -15.12 34.53
C PRO B 42 16.61 -15.94 35.11
N LEU B 43 16.84 -17.24 35.33
CA LEU B 43 15.77 -18.18 35.66
C LEU B 43 16.05 -18.77 37.03
N GLY B 44 15.11 -18.60 37.95
CA GLY B 44 15.11 -19.27 39.25
C GLY B 44 16.43 -19.19 39.99
N SER B 45 17.01 -20.35 40.29
CA SER B 45 18.40 -20.46 40.71
C SER B 45 18.92 -21.83 40.37
N GLY B 46 20.05 -21.89 39.68
CA GLY B 46 20.73 -23.15 39.41
C GLY B 46 19.95 -24.19 38.64
N VAL B 47 18.79 -23.82 38.10
CA VAL B 47 17.85 -24.80 37.55
C VAL B 47 18.54 -25.65 36.49
N TYR B 48 18.36 -26.97 36.61
CA TYR B 48 19.33 -27.91 36.05
C TYR B 48 19.28 -27.97 34.52
N SER B 49 18.12 -27.80 33.92
CA SER B 49 18.00 -28.00 32.48
C SER B 49 16.77 -27.29 31.95
N ILE B 50 16.76 -27.07 30.63
CA ILE B 50 15.68 -26.35 29.96
C ILE B 50 15.33 -27.09 28.68
N PRO B 51 14.04 -27.30 28.41
CA PRO B 51 13.62 -27.79 27.09
C PRO B 51 13.51 -26.67 26.07
N TYR B 52 13.93 -26.96 24.83
CA TYR B 52 13.88 -25.98 23.77
C TYR B 52 13.65 -26.69 22.44
N SER B 53 13.37 -25.90 21.41
CA SER B 53 12.99 -26.42 20.10
C SER B 53 13.99 -25.99 19.03
N VAL B 54 14.17 -26.86 18.02
CA VAL B 54 14.91 -26.55 16.81
C VAL B 54 13.94 -26.46 15.65
N PHE B 55 13.88 -25.30 15.00
CA PHE B 55 12.97 -25.03 13.87
C PHE B 55 13.65 -25.20 12.52
N SER B 56 14.52 -26.19 12.36
CA SER B 56 15.18 -26.40 11.08
C SER B 56 14.17 -26.59 9.95
N GLY B 57 14.62 -26.28 8.74
CA GLY B 57 13.77 -26.28 7.57
C GLY B 57 13.02 -24.97 7.37
N LYS B 58 12.33 -24.88 6.22
CA LYS B 58 11.69 -23.64 5.77
C LYS B 58 10.38 -24.00 5.07
N SER B 59 9.30 -24.06 5.83
CA SER B 59 7.99 -24.25 5.24
C SER B 59 7.57 -23.02 4.45
N PRO B 60 6.71 -23.18 3.42
CA PRO B 60 6.25 -22.01 2.65
C PRO B 60 5.32 -21.11 3.45
N THR B 61 4.76 -20.09 2.81
CA THR B 61 3.92 -19.13 3.50
C THR B 61 2.53 -19.06 2.84
N GLY B 62 1.52 -18.84 3.67
CA GLY B 62 0.14 -18.72 3.22
C GLY B 62 -0.18 -17.39 2.55
N ILE B 63 -0.31 -17.40 1.24
CA ILE B 63 -1.05 -16.37 0.51
C ILE B 63 -2.19 -17.04 -0.24
N ASP B 64 -3.42 -16.78 0.19
CA ASP B 64 -4.59 -17.43 -0.39
C ASP B 64 -5.80 -16.55 -0.13
N MET B 65 -6.83 -16.75 -0.95
CA MET B 65 -8.05 -15.97 -0.82
C MET B 65 -8.95 -16.46 0.31
N VAL B 66 -8.80 -17.71 0.73
CA VAL B 66 -9.72 -18.31 1.68
C VAL B 66 -9.01 -18.69 2.97
N GLY B 67 -7.74 -19.08 2.86
CA GLY B 67 -7.00 -19.54 4.01
C GLY B 67 -7.02 -21.04 4.21
N GLU B 68 -7.29 -21.81 3.15
CA GLU B 68 -7.72 -23.19 3.30
C GLU B 68 -6.58 -24.10 3.75
N ASN B 69 -5.45 -24.07 3.04
CA ASN B 69 -4.39 -25.03 3.29
C ASN B 69 -3.72 -24.80 4.64
N GLU B 70 -3.57 -25.88 5.40
CA GLU B 70 -2.99 -25.88 6.74
C GLU B 70 -1.53 -26.29 6.76
N GLU B 71 -0.93 -26.58 5.61
CA GLU B 71 0.49 -26.94 5.55
C GLU B 71 1.41 -25.83 6.06
N PHE B 72 0.97 -24.58 6.03
CA PHE B 72 1.84 -23.44 6.37
C PHE B 72 1.97 -23.32 7.90
N VAL B 73 2.70 -24.25 8.49
CA VAL B 73 2.98 -24.25 9.93
C VAL B 73 4.48 -24.24 10.15
N VAL B 74 4.90 -23.59 11.24
CA VAL B 74 6.24 -23.70 11.81
C VAL B 74 6.40 -25.03 12.53
N GLU B 75 7.13 -25.97 11.91
CA GLU B 75 6.90 -27.39 12.13
C GLU B 75 7.76 -28.01 13.22
N ALA B 76 8.29 -27.21 14.15
CA ALA B 76 8.91 -27.72 15.39
C ALA B 76 9.89 -28.87 15.12
N SER B 77 10.62 -28.77 14.01
CA SER B 77 11.25 -29.90 13.34
C SER B 77 11.85 -30.97 14.25
N ARG B 78 12.61 -30.59 15.28
CA ARG B 78 12.90 -31.54 16.35
C ARG B 78 12.91 -30.87 17.72
N ARG B 79 12.50 -31.63 18.73
CA ARG B 79 12.57 -31.24 20.12
C ARG B 79 14.01 -31.37 20.62
N ALA B 80 14.34 -30.63 21.67
CA ALA B 80 15.68 -30.72 22.26
C ALA B 80 15.64 -30.29 23.72
N THR B 81 16.74 -30.56 24.41
CA THR B 81 16.89 -30.17 25.81
C THR B 81 18.38 -29.95 26.08
N ILE B 82 18.69 -29.05 27.01
CA ILE B 82 20.06 -28.71 27.34
C ILE B 82 20.20 -28.54 28.86
N ASN B 83 21.40 -28.81 29.36
CA ASN B 83 21.72 -28.67 30.77
C ASN B 83 22.66 -27.49 30.98
N LEU B 84 22.41 -26.72 32.05
CA LEU B 84 23.14 -25.49 32.34
C LEU B 84 24.33 -25.72 33.26
N PRO B 85 25.55 -25.82 32.73
CA PRO B 85 26.70 -26.03 33.61
C PRO B 85 27.00 -24.79 34.44
N ILE B 86 27.60 -24.99 35.60
CA ILE B 86 28.20 -23.88 36.33
C ILE B 86 29.55 -23.54 35.73
N LEU B 87 29.76 -22.26 35.45
CA LEU B 87 31.07 -21.67 35.23
C LEU B 87 31.52 -20.96 36.50
N TYR B 88 32.77 -21.18 36.91
CA TYR B 88 33.21 -20.65 38.19
C TYR B 88 34.70 -20.36 38.18
N LYS B 89 35.09 -19.41 39.01
CA LYS B 89 36.49 -19.17 39.39
C LYS B 89 36.49 -18.60 40.80
N ASP B 90 37.58 -18.87 41.53
CA ASP B 90 37.67 -18.47 42.93
C ASP B 90 38.79 -17.46 43.14
N PHE B 91 38.50 -16.41 43.92
CA PHE B 91 39.48 -15.40 44.28
C PHE B 91 39.61 -15.32 45.79
N LYS B 92 40.81 -15.00 46.25
CA LYS B 92 41.21 -15.22 47.65
C LYS B 92 41.77 -13.95 48.24
N ILE B 93 41.32 -13.59 49.44
CA ILE B 93 41.65 -12.32 50.07
C ILE B 93 42.30 -12.58 51.42
N MET B 94 43.56 -12.22 51.57
CA MET B 94 44.33 -12.59 52.76
C MET B 94 43.85 -11.80 53.98
N TRP B 95 43.79 -12.49 55.12
CA TRP B 95 43.35 -11.86 56.36
C TRP B 95 44.26 -10.70 56.76
N ARG B 96 45.56 -10.83 56.46
CA ARG B 96 46.49 -9.72 56.65
C ARG B 96 46.05 -8.49 55.88
N ASP B 97 45.66 -8.66 54.62
CA ASP B 97 45.26 -7.51 53.82
C ASP B 97 43.96 -6.92 54.33
N VAL B 98 43.02 -7.75 54.79
CA VAL B 98 41.80 -7.25 55.43
C VAL B 98 42.14 -6.38 56.63
N GLU B 99 42.99 -6.90 57.53
CA GLU B 99 43.30 -6.13 58.73
C GLU B 99 44.06 -4.86 58.38
N ALA B 100 45.04 -4.95 57.48
CA ALA B 100 45.73 -3.74 57.04
C ALA B 100 44.75 -2.72 56.48
N ASP B 101 43.80 -3.18 55.66
CA ASP B 101 42.79 -2.33 55.06
C ASP B 101 41.60 -2.05 55.98
N ARG B 102 41.78 -2.23 57.28
CA ARG B 102 40.74 -1.88 58.24
C ARG B 102 41.30 -1.07 59.40
N HIS B 103 42.52 -1.38 59.84
CA HIS B 103 43.18 -0.57 60.85
C HIS B 103 44.20 0.40 60.24
N LEU B 104 45.03 -0.06 59.31
CA LEU B 104 46.03 0.78 58.66
C LEU B 104 45.42 1.65 57.55
N GLY B 105 44.10 1.79 57.51
CA GLY B 105 43.43 2.79 56.68
C GLY B 105 43.41 2.53 55.19
N LEU B 106 44.20 1.60 54.68
CA LEU B 106 44.19 1.32 53.24
C LEU B 106 42.79 0.89 52.78
N PRO B 107 42.42 1.21 51.55
CA PRO B 107 41.26 0.55 50.93
C PRO B 107 41.50 -0.93 50.67
N ILE B 108 40.42 -1.71 50.79
CA ILE B 108 40.49 -3.15 50.59
C ILE B 108 40.87 -3.47 49.14
N ASP B 109 41.90 -4.28 48.98
CA ASP B 109 42.32 -4.75 47.66
C ASP B 109 41.25 -5.64 47.05
N VAL B 110 40.71 -5.25 45.90
CA VAL B 110 39.78 -6.07 45.14
C VAL B 110 40.33 -6.46 43.77
N SER B 111 41.63 -6.26 43.55
CA SER B 111 42.26 -6.53 42.25
C SER B 111 42.15 -7.99 41.83
N THR B 112 41.94 -8.92 42.76
CA THR B 112 41.66 -10.31 42.39
C THR B 112 40.25 -10.51 41.86
N ALA B 113 39.26 -9.86 42.48
CA ALA B 113 37.87 -10.12 42.12
C ALA B 113 37.60 -9.84 40.63
N ALA B 114 38.07 -8.70 40.13
CA ALA B 114 37.94 -8.40 38.70
C ALA B 114 38.67 -9.40 37.80
N VAL B 115 39.76 -10.01 38.29
CA VAL B 115 40.42 -11.03 37.47
C VAL B 115 39.62 -12.32 37.45
N ALA B 116 38.99 -12.66 38.57
CA ALA B 116 38.07 -13.79 38.57
C ALA B 116 36.88 -13.55 37.64
N GLY B 117 36.26 -12.37 37.75
CA GLY B 117 35.21 -11.98 36.82
C GLY B 117 35.62 -12.08 35.37
N ASN B 118 36.83 -11.63 35.04
CA ASN B 118 37.34 -11.74 33.69
C ASN B 118 37.50 -13.18 33.24
N PHE B 119 38.15 -14.02 34.05
CA PHE B 119 38.33 -15.41 33.64
C PHE B 119 37.01 -16.17 33.53
N VAL B 120 36.02 -15.80 34.35
CA VAL B 120 34.67 -16.31 34.16
C VAL B 120 34.09 -15.88 32.82
N ALA B 121 34.11 -14.58 32.54
CA ALA B 121 33.46 -14.10 31.32
C ALA B 121 34.14 -14.65 30.07
N VAL B 122 35.47 -14.74 30.08
CA VAL B 122 36.20 -15.38 28.98
C VAL B 122 35.86 -16.85 28.85
N GLN B 123 35.54 -17.53 29.95
CA GLN B 123 35.09 -18.91 29.82
C GLN B 123 33.68 -19.00 29.27
N GLU B 124 32.81 -18.07 29.67
CA GLU B 124 31.46 -18.02 29.11
C GLU B 124 31.48 -17.77 27.61
N ASP B 125 32.26 -16.80 27.15
CA ASP B 125 32.42 -16.59 25.71
C ASP B 125 33.03 -17.81 25.02
N HIS B 126 34.03 -18.45 25.63
CA HIS B 126 34.60 -19.63 24.99
C HIS B 126 33.58 -20.76 24.88
N LEU B 127 32.72 -20.89 25.88
CA LEU B 127 31.58 -21.81 25.80
C LEU B 127 30.66 -21.47 24.64
N ILE B 128 30.19 -20.21 24.59
CA ILE B 128 29.19 -19.85 23.59
C ILE B 128 29.73 -20.00 22.17
N PHE B 129 30.95 -19.53 21.92
CA PHE B 129 31.48 -19.60 20.56
C PHE B 129 32.05 -20.97 20.20
N ASN B 130 32.53 -21.76 21.17
CA ASN B 130 33.20 -23.01 20.85
C ASN B 130 32.60 -24.23 21.55
N GLY B 131 31.55 -24.07 22.34
CA GLY B 131 30.92 -25.20 22.98
C GLY B 131 31.78 -25.86 24.06
N ASN B 132 31.48 -27.13 24.31
CA ASN B 132 32.31 -27.95 25.19
C ASN B 132 32.14 -29.41 24.84
N VAL B 133 33.25 -30.09 24.58
CA VAL B 133 33.20 -31.51 24.23
C VAL B 133 32.66 -32.35 25.37
N GLU B 134 33.20 -32.15 26.57
CA GLU B 134 32.93 -33.05 27.70
C GLU B 134 31.46 -33.05 28.10
N LEU B 135 30.76 -31.93 27.91
CA LEU B 135 29.32 -31.88 28.16
C LEU B 135 28.49 -32.19 26.91
N GLY B 136 29.12 -32.30 25.74
CA GLY B 136 28.38 -32.39 24.50
C GLY B 136 27.63 -31.13 24.13
N HIS B 137 28.11 -29.98 24.56
CA HIS B 137 27.55 -28.70 24.14
C HIS B 137 28.11 -28.33 22.78
N ASP B 138 27.30 -27.64 21.99
CA ASP B 138 27.76 -27.09 20.71
C ASP B 138 27.55 -25.59 20.67
N GLY B 139 28.50 -24.91 20.01
CA GLY B 139 28.50 -23.47 19.88
C GLY B 139 28.42 -23.03 18.43
N LEU B 140 28.50 -21.71 18.24
CA LEU B 140 28.23 -21.14 16.93
C LEU B 140 29.20 -21.64 15.87
N PHE B 141 30.41 -22.05 16.26
CA PHE B 141 31.34 -22.65 15.33
C PHE B 141 31.29 -24.17 15.30
N THR B 142 30.40 -24.79 16.09
CA THR B 142 30.31 -26.24 16.17
C THR B 142 28.92 -26.81 15.94
N VAL B 143 27.86 -25.99 16.01
CA VAL B 143 26.54 -26.47 15.64
C VAL B 143 26.53 -26.89 14.17
N LYS B 144 25.85 -28.00 13.89
CA LYS B 144 26.14 -28.81 12.72
C LYS B 144 25.43 -28.33 11.46
N ASP B 145 24.24 -27.76 11.60
CA ASP B 145 23.41 -27.37 10.46
C ASP B 145 23.72 -25.96 9.97
N ARG B 146 24.68 -25.28 10.60
CA ARG B 146 25.03 -23.92 10.22
C ARG B 146 25.52 -23.84 8.78
N GLN B 147 25.34 -22.68 8.18
CA GLN B 147 25.97 -22.36 6.90
C GLN B 147 27.49 -22.31 7.07
N THR B 148 28.19 -22.43 5.95
CA THR B 148 29.59 -22.05 5.90
C THR B 148 29.88 -21.31 4.62
N VAL B 149 30.90 -20.46 4.67
CA VAL B 149 31.46 -19.78 3.51
C VAL B 149 32.98 -19.89 3.58
N ALA B 150 33.62 -20.28 2.48
CA ALA B 150 35.06 -20.35 2.45
C ALA B 150 35.65 -18.95 2.56
N ILE B 151 36.43 -18.72 3.61
CA ILE B 151 37.04 -17.42 3.84
C ILE B 151 38.10 -17.15 2.77
N SER B 152 38.08 -15.95 2.22
CA SER B 152 39.09 -15.54 1.25
C SER B 152 40.31 -14.97 1.97
N ASP B 153 41.30 -14.58 1.19
CA ASP B 153 42.50 -13.92 1.73
C ASP B 153 42.16 -12.49 2.12
N TRP B 154 41.89 -12.26 3.40
CA TRP B 154 41.56 -10.89 3.84
C TRP B 154 42.76 -9.95 3.85
N ASN B 155 43.91 -10.32 3.29
CA ASN B 155 44.94 -9.36 2.94
C ASN B 155 44.65 -8.65 1.62
N GLU B 156 43.72 -9.15 0.82
CA GLU B 156 43.30 -8.43 -0.38
C GLU B 156 42.28 -7.35 -0.02
N THR B 157 42.32 -6.26 -0.79
CA THR B 157 41.42 -5.14 -0.55
C THR B 157 40.00 -5.54 -0.92
N GLY B 158 39.05 -5.28 0.00
CA GLY B 158 37.67 -5.60 -0.21
C GLY B 158 37.30 -7.05 0.01
N ALA B 159 38.26 -7.90 0.36
CA ALA B 159 37.97 -9.33 0.48
C ALA B 159 36.99 -9.60 1.62
N ALA B 160 37.18 -8.94 2.76
CA ALA B 160 36.28 -9.13 3.89
C ALA B 160 34.87 -8.67 3.58
N LEU B 161 34.74 -7.52 2.92
CA LEU B 161 33.42 -7.05 2.50
C LEU B 161 32.74 -8.05 1.58
N ALA B 162 33.48 -8.56 0.58
CA ALA B 162 32.91 -9.54 -0.35
C ALA B 162 32.49 -10.82 0.37
N ASP B 163 33.30 -11.31 1.31
CA ASP B 163 32.92 -12.49 2.07
C ASP B 163 31.70 -12.25 2.96
N VAL B 164 31.61 -11.08 3.58
CA VAL B 164 30.40 -10.76 4.34
C VAL B 164 29.18 -10.66 3.43
N VAL B 165 29.36 -10.14 2.22
CA VAL B 165 28.27 -10.14 1.24
C VAL B 165 27.84 -11.56 0.90
N LYS B 166 28.79 -12.47 0.75
CA LYS B 166 28.46 -13.89 0.57
C LYS B 166 27.66 -14.44 1.74
N ALA B 167 28.12 -14.17 2.97
CA ALA B 167 27.44 -14.69 4.15
C ALA B 167 26.02 -14.14 4.27
N VAL B 168 25.85 -12.84 4.07
CA VAL B 168 24.51 -12.25 4.05
C VAL B 168 23.65 -12.80 2.93
N GLY B 169 24.25 -13.12 1.78
CA GLY B 169 23.54 -13.87 0.76
C GLY B 169 23.02 -15.21 1.26
N ALA B 170 23.90 -16.01 1.86
CA ALA B 170 23.51 -17.31 2.37
C ALA B 170 22.42 -17.22 3.43
N LEU B 171 22.53 -16.26 4.34
CA LEU B 171 21.45 -16.04 5.32
C LEU B 171 20.16 -15.58 4.66
N SER B 172 20.25 -14.76 3.61
CA SER B 172 19.06 -14.40 2.82
C SER B 172 18.40 -15.63 2.20
N GLN B 173 19.21 -16.54 1.63
CA GLN B 173 18.65 -17.79 1.11
C GLN B 173 17.96 -18.59 2.20
N ALA B 174 18.50 -18.59 3.42
CA ALA B 174 17.82 -19.27 4.50
C ALA B 174 16.53 -18.59 4.94
N GLY B 175 16.21 -17.42 4.38
CA GLY B 175 15.05 -16.67 4.79
C GLY B 175 15.24 -15.84 6.04
N HIS B 176 16.47 -15.71 6.53
CA HIS B 176 16.79 -14.80 7.64
C HIS B 176 17.20 -13.45 7.08
N TYR B 177 16.22 -12.59 6.88
CA TYR B 177 16.50 -11.16 6.79
C TYR B 177 16.88 -10.62 8.17
N GLY B 178 17.58 -9.49 8.16
CA GLY B 178 18.31 -9.03 9.31
C GLY B 178 17.47 -8.52 10.46
N PRO B 179 18.08 -7.75 11.36
CA PRO B 179 19.47 -7.26 11.30
C PRO B 179 20.47 -8.34 11.67
N TYR B 180 21.59 -8.36 10.95
CA TYR B 180 22.72 -9.23 11.24
C TYR B 180 23.67 -8.59 12.23
N ALA B 181 24.37 -9.43 12.98
CA ALA B 181 25.55 -9.03 13.74
C ALA B 181 26.66 -10.03 13.46
N MET B 182 27.90 -9.60 13.73
CA MET B 182 29.06 -10.37 13.32
C MET B 182 30.14 -10.23 14.37
N VAL B 183 30.96 -11.28 14.52
CA VAL B 183 32.06 -11.29 15.47
C VAL B 183 33.28 -11.86 14.74
N VAL B 184 34.44 -11.26 14.98
CA VAL B 184 35.63 -11.48 14.17
C VAL B 184 36.82 -11.70 15.08
N SER B 185 37.75 -12.56 14.65
CA SER B 185 39.01 -12.68 15.37
C SER B 185 39.87 -11.43 15.17
N PRO B 186 40.61 -11.02 16.20
CA PRO B 186 41.47 -9.82 16.08
C PRO B 186 42.39 -9.81 14.86
N VAL B 187 42.93 -10.98 14.47
CA VAL B 187 43.81 -11.07 13.32
C VAL B 187 43.10 -10.65 12.04
N LEU B 188 41.80 -10.87 11.94
CA LEU B 188 41.02 -10.36 10.81
C LEU B 188 40.49 -8.95 11.05
N PHE B 189 40.11 -8.64 12.28
CA PHE B 189 39.58 -7.30 12.54
C PHE B 189 40.64 -6.24 12.23
N GLY B 190 41.89 -6.51 12.60
CA GLY B 190 42.97 -5.64 12.17
C GLY B 190 43.19 -5.60 10.67
N ARG B 191 42.46 -6.44 9.93
CA ARG B 191 42.50 -6.43 8.47
C ARG B 191 41.25 -5.81 7.86
N MET B 192 40.24 -5.53 8.67
CA MET B 192 39.10 -4.75 8.24
C MET B 192 39.30 -3.24 8.37
N ILE B 193 40.44 -2.81 8.89
CA ILE B 193 40.75 -1.39 9.02
C ILE B 193 41.69 -1.04 7.86
N ARG B 194 41.08 -0.71 6.73
CA ARG B 194 41.75 -0.28 5.51
C ARG B 194 40.83 0.71 4.82
N VAL B 195 41.40 1.61 4.02
CA VAL B 195 40.57 2.34 3.08
C VAL B 195 40.09 1.38 2.00
N PHE B 196 38.77 1.24 1.87
CA PHE B 196 38.22 0.25 0.95
C PHE B 196 38.58 0.59 -0.49
N GLY B 197 38.77 1.85 -0.79
CA GLY B 197 39.19 2.29 -2.10
C GLY B 197 38.71 3.72 -2.34
N TRP B 198 38.50 4.04 -3.62
CA TRP B 198 37.95 5.33 -3.99
C TRP B 198 36.59 5.61 -3.35
N THR B 199 35.93 4.59 -2.78
CA THR B 199 34.75 4.82 -1.96
C THR B 199 35.03 5.79 -0.82
N GLY B 200 36.27 5.87 -0.36
CA GLY B 200 36.65 6.89 0.59
C GLY B 200 36.19 6.67 2.01
N MET B 201 35.95 5.42 2.40
CA MET B 201 35.58 5.11 3.78
C MET B 201 36.22 3.79 4.16
N LEU B 202 36.39 3.57 5.46
CA LEU B 202 37.01 2.35 5.94
C LEU B 202 36.16 1.13 5.62
N GLU B 203 36.83 0.04 5.29
CA GLU B 203 36.13 -1.22 4.99
C GLU B 203 35.28 -1.67 6.17
N LEU B 204 35.80 -1.50 7.39
CA LEU B 204 35.01 -1.75 8.59
C LEU B 204 33.73 -0.92 8.62
N ASP B 205 33.75 0.31 8.11
CA ASP B 205 32.52 1.10 8.12
C ASP B 205 31.57 0.72 6.99
N GLN B 206 32.07 0.13 5.91
CA GLN B 206 31.19 -0.59 4.99
C GLN B 206 30.50 -1.75 5.69
N VAL B 207 31.28 -2.59 6.38
CA VAL B 207 30.70 -3.76 7.01
C VAL B 207 29.68 -3.34 8.08
N LYS B 208 30.03 -2.33 8.87
CA LYS B 208 29.08 -1.80 9.86
C LYS B 208 27.84 -1.22 9.20
N ALA B 209 27.95 -0.76 7.95
CA ALA B 209 26.73 -0.31 7.30
C ALA B 209 25.90 -1.49 6.79
N LEU B 210 26.57 -2.57 6.41
CA LEU B 210 25.88 -3.78 5.97
C LEU B 210 25.43 -4.65 7.15
N ILE B 211 26.19 -4.64 8.24
CA ILE B 211 25.93 -5.47 9.42
C ILE B 211 25.52 -4.58 10.58
N THR B 212 24.27 -4.08 10.53
CA THR B 212 23.83 -2.99 11.40
C THR B 212 23.78 -3.38 12.87
N GLY B 213 23.88 -4.67 13.20
CA GLY B 213 23.98 -5.07 14.59
C GLY B 213 25.33 -4.89 15.22
N GLY B 214 26.31 -4.41 14.47
CA GLY B 214 27.65 -4.12 14.98
C GLY B 214 28.61 -5.27 14.78
N VAL B 215 29.89 -4.91 14.63
CA VAL B 215 30.97 -5.86 14.45
C VAL B 215 31.80 -5.88 15.73
N HIS B 216 32.17 -7.08 16.17
CA HIS B 216 32.89 -7.25 17.43
C HIS B 216 34.09 -8.17 17.22
N TYR B 217 34.99 -8.15 18.19
CA TYR B 217 36.12 -9.08 18.24
C TYR B 217 36.17 -9.77 19.59
N SER B 218 36.75 -10.97 19.61
CA SER B 218 36.93 -11.71 20.84
C SER B 218 38.15 -12.61 20.72
N ASN B 219 38.76 -12.90 21.87
CA ASN B 219 39.91 -13.82 21.91
C ASN B 219 39.53 -15.23 21.46
N VAL B 220 38.35 -15.72 21.88
CA VAL B 220 38.03 -17.13 21.79
C VAL B 220 37.83 -17.64 20.38
N ILE B 221 37.68 -16.74 19.41
CA ILE B 221 37.66 -17.15 18.00
C ILE B 221 39.08 -17.28 17.48
N GLY B 222 39.65 -18.47 17.62
CA GLY B 222 41.04 -18.68 17.23
C GLY B 222 41.21 -18.64 15.73
N GLY B 223 42.29 -17.98 15.30
CA GLY B 223 42.68 -17.95 13.90
C GLY B 223 41.76 -17.14 13.00
N SER B 224 41.93 -17.37 11.70
CA SER B 224 41.18 -16.69 10.64
C SER B 224 39.76 -17.23 10.55
N LYS B 225 38.91 -16.79 11.47
CA LYS B 225 37.52 -17.22 11.49
C LYS B 225 36.64 -16.04 11.85
N ALA B 226 35.39 -16.08 11.38
CA ALA B 226 34.38 -15.12 11.79
C ALA B 226 33.01 -15.77 11.72
N VAL B 227 32.07 -15.20 12.46
CA VAL B 227 30.70 -15.71 12.53
C VAL B 227 29.73 -14.57 12.28
N VAL B 228 28.63 -14.86 11.58
CA VAL B 228 27.56 -13.91 11.33
C VAL B 228 26.28 -14.49 11.92
N VAL B 229 25.49 -13.65 12.57
CA VAL B 229 24.32 -14.10 13.31
C VAL B 229 23.11 -13.27 12.92
N ALA B 230 22.05 -13.94 12.47
CA ALA B 230 20.73 -13.34 12.33
C ALA B 230 20.11 -13.19 13.72
N THR B 231 20.34 -12.04 14.34
CA THR B 231 20.06 -11.83 15.75
C THR B 231 18.55 -11.97 16.04
N GLY B 232 18.24 -11.95 17.32
CA GLY B 232 16.90 -11.92 17.84
C GLY B 232 16.55 -13.17 18.62
N SER B 233 15.71 -13.00 19.64
CA SER B 233 15.32 -14.10 20.52
C SER B 233 14.61 -15.23 19.80
N GLN B 234 14.08 -14.99 18.60
CA GLN B 234 13.47 -16.07 17.84
C GLN B 234 14.49 -16.98 17.16
N ASN B 235 15.76 -16.60 17.11
CA ASN B 235 16.78 -17.44 16.50
C ASN B 235 17.78 -18.01 17.48
N LEU B 236 18.25 -17.19 18.43
CA LEU B 236 19.20 -17.63 19.44
C LEU B 236 18.77 -17.08 20.79
N ASN B 237 19.29 -17.68 21.86
CA ASN B 237 19.18 -17.11 23.19
C ASN B 237 20.36 -17.57 24.03
N LEU B 238 20.64 -16.78 25.06
CA LEU B 238 21.48 -17.18 26.19
C LEU B 238 20.61 -17.27 27.44
N ALA B 239 20.56 -18.45 28.04
CA ALA B 239 19.81 -18.66 29.27
C ALA B 239 20.76 -18.70 30.45
N LEU B 240 20.50 -17.88 31.46
CA LEU B 240 21.50 -17.60 32.49
C LEU B 240 21.46 -18.58 33.66
N GLY B 241 20.28 -19.04 34.07
CA GLY B 241 20.15 -19.55 35.42
C GLY B 241 20.41 -18.49 36.47
N GLN B 242 21.49 -18.63 37.24
CA GLN B 242 21.90 -17.59 38.17
C GLN B 242 22.91 -16.66 37.49
N ASP B 243 22.48 -15.42 37.28
CA ASP B 243 23.35 -14.38 36.73
C ASP B 243 24.52 -14.08 37.67
N MET B 244 25.66 -13.74 37.05
CA MET B 244 26.97 -13.75 37.69
C MET B 244 26.95 -13.12 39.07
N VAL B 245 27.45 -13.87 40.06
CA VAL B 245 27.32 -13.49 41.46
C VAL B 245 28.54 -14.01 42.21
N THR B 246 28.84 -13.36 43.34
CA THR B 246 29.91 -13.79 44.22
C THR B 246 29.33 -14.51 45.43
N ALA B 247 29.94 -15.64 45.79
CA ALA B 247 29.54 -16.39 46.97
C ALA B 247 30.71 -16.50 47.94
N TYR B 248 30.43 -16.31 49.22
CA TYR B 248 31.35 -16.70 50.27
C TYR B 248 31.44 -18.22 50.37
N MET B 249 32.66 -18.75 50.45
CA MET B 249 32.90 -20.17 50.29
C MET B 249 33.79 -20.72 51.41
N GLY B 250 33.89 -19.98 52.52
CA GLY B 250 34.50 -20.48 53.73
C GLY B 250 36.02 -20.34 53.74
N PRO B 251 36.57 -20.05 54.92
CA PRO B 251 38.02 -19.84 55.03
C PRO B 251 38.82 -21.07 54.66
N THR B 252 40.04 -20.82 54.15
CA THR B 252 41.12 -21.79 54.12
C THR B 252 42.37 -21.10 54.64
N SER B 253 43.10 -21.77 55.51
CA SER B 253 43.90 -21.07 56.51
C SER B 253 42.97 -20.01 57.13
N MET B 254 43.50 -18.83 57.48
CA MET B 254 42.58 -17.74 57.79
C MET B 254 42.21 -16.92 56.57
N ASN B 255 42.76 -17.25 55.39
CA ASN B 255 42.40 -16.51 54.19
C ASN B 255 40.91 -16.70 53.89
N HIS B 256 40.21 -15.61 53.69
CA HIS B 256 38.87 -15.68 53.14
C HIS B 256 38.93 -16.09 51.67
N VAL B 257 37.97 -16.91 51.25
CA VAL B 257 37.88 -17.35 49.86
C VAL B 257 36.47 -17.11 49.35
N PHE B 258 36.36 -16.64 48.11
CA PHE B 258 35.09 -16.32 47.49
C PHE B 258 35.03 -17.00 46.13
N ARG B 259 33.81 -17.33 45.70
CA ARG B 259 33.58 -17.89 44.38
C ARG B 259 32.74 -16.95 43.53
N VAL B 260 33.17 -16.72 42.28
CA VAL B 260 32.35 -16.13 41.23
C VAL B 260 31.81 -17.28 40.38
N LEU B 261 30.50 -17.29 40.15
CA LEU B 261 29.88 -18.38 39.42
C LEU B 261 28.85 -17.88 38.41
N GLU B 262 28.62 -18.71 37.38
CA GLU B 262 27.72 -18.42 36.28
C GLU B 262 27.13 -19.75 35.79
N THR B 263 25.94 -19.69 35.19
CA THR B 263 25.26 -20.89 34.71
C THR B 263 24.71 -20.75 33.30
N ALA B 264 25.36 -20.00 32.43
CA ALA B 264 24.81 -19.71 31.12
C ALA B 264 24.94 -20.92 30.18
N ALA B 265 23.97 -21.08 29.29
CA ALA B 265 24.05 -22.06 28.21
C ALA B 265 23.40 -21.52 26.94
N LEU B 266 23.92 -21.97 25.80
CA LEU B 266 23.51 -21.51 24.48
C LEU B 266 22.32 -22.32 23.96
N LEU B 267 21.22 -21.63 23.65
CA LEU B 267 20.07 -22.25 22.98
C LEU B 267 20.11 -21.91 21.49
N VAL B 268 20.36 -22.92 20.64
CA VAL B 268 20.46 -22.69 19.20
C VAL B 268 19.12 -22.99 18.54
N ARG B 269 18.11 -22.14 18.80
CA ARG B 269 16.76 -22.40 18.32
C ARG B 269 16.67 -22.53 16.80
N ARG B 270 17.54 -21.86 16.04
CA ARG B 270 17.58 -22.03 14.59
C ARG B 270 19.00 -22.18 14.08
N PRO B 271 19.50 -23.41 13.97
CA PRO B 271 20.85 -23.64 13.41
C PRO B 271 21.06 -23.09 12.01
N ASP B 272 20.02 -22.69 11.29
CA ASP B 272 20.22 -22.03 10.00
C ASP B 272 20.42 -20.53 10.11
N ALA B 273 20.18 -19.94 11.29
CA ALA B 273 20.41 -18.52 11.50
C ALA B 273 21.90 -18.16 11.57
N ILE B 274 22.78 -19.16 11.67
CA ILE B 274 24.20 -18.94 11.90
C ILE B 274 24.95 -19.23 10.60
N CYS B 275 25.82 -18.29 10.22
CA CYS B 275 26.83 -18.53 9.20
C CYS B 275 28.20 -18.29 9.81
N THR B 276 29.13 -19.21 9.56
CA THR B 276 30.53 -19.05 9.92
C THR B 276 31.36 -18.80 8.68
N ILE B 277 32.24 -17.80 8.75
CA ILE B 277 33.11 -17.42 7.65
C ILE B 277 34.52 -17.89 8.01
N GLU B 278 34.95 -18.98 7.40
CA GLU B 278 36.12 -19.70 7.87
C GLU B 278 36.69 -20.59 6.78
N MET C 1 -22.75 33.71 0.71
CA MET C 1 -22.72 33.58 -0.75
C MET C 1 -23.40 32.29 -1.20
N ASP C 2 -24.10 32.36 -2.33
CA ASP C 2 -25.14 31.39 -2.66
C ASP C 2 -24.87 30.63 -3.95
N PHE C 3 -23.85 31.01 -4.72
CA PHE C 3 -23.58 30.39 -6.01
C PHE C 3 -22.93 29.02 -5.88
N LEU C 4 -22.57 28.60 -4.68
CA LEU C 4 -22.09 27.25 -4.40
C LEU C 4 -23.06 26.56 -3.43
N ASP C 5 -23.64 25.46 -3.90
CA ASP C 5 -24.80 24.83 -3.26
C ASP C 5 -24.40 23.89 -2.11
N ARG C 6 -23.74 24.46 -1.09
CA ARG C 6 -23.21 23.65 0.01
C ARG C 6 -24.27 22.79 0.70
N ASN C 7 -25.55 23.11 0.57
CA ASN C 7 -26.61 22.30 1.15
C ASN C 7 -27.38 21.45 0.14
N ALA C 8 -27.21 21.69 -1.16
CA ALA C 8 -28.01 20.95 -2.13
C ALA C 8 -27.39 19.60 -2.49
N ALA C 9 -26.07 19.49 -2.47
CA ALA C 9 -25.43 18.21 -2.67
C ALA C 9 -25.81 17.24 -1.57
N PRO C 10 -25.84 15.93 -1.86
CA PRO C 10 -26.23 14.95 -0.84
C PRO C 10 -25.21 14.79 0.27
N LEU C 11 -24.00 15.29 0.07
CA LEU C 11 -22.88 14.98 0.93
C LEU C 11 -22.98 15.70 2.26
N ASN C 12 -22.80 14.95 3.35
CA ASN C 12 -22.74 15.54 4.68
C ASN C 12 -21.47 16.40 4.80
N GLU C 13 -21.50 17.32 5.77
CA GLU C 13 -20.43 18.30 5.91
C GLU C 13 -19.11 17.70 6.32
N GLY C 14 -19.10 16.53 6.96
CA GLY C 14 -17.85 15.79 7.10
C GLY C 14 -17.23 15.42 5.76
N GLU C 15 -18.07 15.03 4.80
CA GLU C 15 -17.56 14.73 3.47
C GLU C 15 -17.12 15.99 2.73
N TRP C 16 -17.86 17.09 2.88
CA TRP C 16 -17.37 18.38 2.42
C TRP C 16 -15.99 18.71 2.99
N GLN C 17 -15.82 18.53 4.31
CA GLN C 17 -14.55 18.80 4.95
C GLN C 17 -13.44 17.85 4.54
N ARG C 18 -13.78 16.66 4.02
CA ARG C 18 -12.77 15.81 3.40
C ARG C 18 -12.49 16.18 1.94
N ILE C 19 -13.49 16.68 1.23
CA ILE C 19 -13.31 17.05 -0.17
C ILE C 19 -12.51 18.34 -0.31
N ASP C 20 -12.85 19.36 0.47
CA ASP C 20 -12.04 20.57 0.46
C ASP C 20 -10.60 20.29 0.87
N GLU C 21 -10.40 19.46 1.89
CA GLU C 21 -9.04 19.08 2.27
C GLU C 21 -8.31 18.34 1.14
N ALA C 22 -9.01 17.46 0.43
CA ALA C 22 -8.46 16.75 -0.73
C ALA C 22 -8.27 17.63 -1.96
N VAL C 23 -8.82 18.82 -1.97
CA VAL C 23 -8.44 19.83 -2.95
C VAL C 23 -7.24 20.63 -2.49
N VAL C 24 -7.32 21.22 -1.30
CA VAL C 24 -6.30 22.13 -0.80
C VAL C 24 -4.93 21.44 -0.71
N SER C 25 -4.90 20.21 -0.18
CA SER C 25 -3.66 19.44 -0.11
C SER C 25 -3.08 19.03 -1.45
N THR C 26 -3.80 19.22 -2.57
CA THR C 26 -3.18 19.06 -3.87
C THR C 26 -2.93 20.37 -4.59
N ALA C 27 -3.68 21.42 -4.25
CA ALA C 27 -3.30 22.77 -4.65
C ALA C 27 -1.92 23.13 -4.12
N ARG C 28 -1.73 23.01 -2.81
CA ARG C 28 -0.45 23.37 -2.19
C ARG C 28 0.70 22.57 -2.78
N ARG C 29 0.47 21.27 -3.04
CA ARG C 29 1.47 20.46 -3.71
C ARG C 29 1.78 20.97 -5.12
N THR C 30 0.74 21.32 -5.88
CA THR C 30 0.91 21.51 -7.32
C THR C 30 1.38 22.90 -7.70
N LEU C 31 0.91 23.94 -7.00
CA LEU C 31 1.18 25.31 -7.42
C LEU C 31 2.64 25.67 -7.18
N VAL C 32 3.27 26.21 -8.21
CA VAL C 32 4.55 26.93 -8.06
C VAL C 32 4.34 28.42 -7.86
N ALA C 33 3.44 29.02 -8.64
CA ALA C 33 3.35 30.48 -8.74
C ALA C 33 3.22 31.15 -7.38
N ARG C 34 2.32 30.64 -6.53
CA ARG C 34 2.14 31.23 -5.20
C ARG C 34 3.39 31.14 -4.33
N ARG C 35 4.40 30.38 -4.73
CA ARG C 35 5.68 30.41 -4.02
C ARG C 35 6.55 31.56 -4.52
N ILE C 36 6.40 31.93 -5.79
CA ILE C 36 7.19 32.99 -6.40
C ILE C 36 6.51 34.34 -6.21
N ILE C 37 5.23 34.41 -6.56
CA ILE C 37 4.51 35.66 -6.77
C ILE C 37 3.50 35.80 -5.63
N ASP C 38 3.47 36.98 -5.01
CA ASP C 38 2.53 37.21 -3.93
C ASP C 38 1.09 37.23 -4.43
N VAL C 39 0.20 36.66 -3.63
CA VAL C 39 -1.24 36.74 -3.84
C VAL C 39 -1.75 38.11 -3.43
N LEU C 40 -2.61 38.69 -4.26
CA LEU C 40 -3.32 39.91 -3.94
C LEU C 40 -4.79 39.57 -3.72
N GLY C 41 -5.30 39.90 -2.53
CA GLY C 41 -6.63 39.50 -2.14
C GLY C 41 -6.60 38.33 -1.18
N PRO C 42 -7.53 37.37 -1.34
CA PRO C 42 -8.54 37.25 -2.39
C PRO C 42 -9.67 38.26 -2.27
N LEU C 43 -10.33 38.58 -3.38
CA LEU C 43 -11.19 39.75 -3.49
C LEU C 43 -12.67 39.41 -3.48
N GLY C 44 -13.04 38.14 -3.51
CA GLY C 44 -14.41 37.75 -3.72
C GLY C 44 -14.78 37.63 -5.19
N SER C 45 -15.91 36.96 -5.42
CA SER C 45 -16.30 36.55 -6.77
C SER C 45 -16.61 37.74 -7.67
N GLY C 46 -17.09 38.84 -7.09
CA GLY C 46 -17.62 39.94 -7.89
C GLY C 46 -16.58 40.70 -8.70
N VAL C 47 -15.31 40.65 -8.32
CA VAL C 47 -14.31 41.53 -8.91
C VAL C 47 -13.97 41.02 -10.30
N TYR C 48 -14.73 41.47 -11.30
CA TYR C 48 -14.61 40.95 -12.65
C TYR C 48 -13.33 41.41 -13.34
N SER C 49 -12.84 42.61 -13.05
CA SER C 49 -11.61 43.09 -13.65
C SER C 49 -10.92 44.07 -12.73
N ILE C 50 -9.61 44.22 -12.92
CA ILE C 50 -8.78 45.05 -12.06
C ILE C 50 -7.94 46.00 -12.91
N PRO C 51 -7.90 47.29 -12.60
CA PRO C 51 -6.95 48.17 -13.26
C PRO C 51 -5.57 48.10 -12.62
N TYR C 52 -4.53 48.22 -13.45
CA TYR C 52 -3.18 48.18 -12.92
C TYR C 52 -2.25 49.07 -13.73
N SER C 53 -1.24 49.61 -13.04
CA SER C 53 -0.21 50.47 -13.61
C SER C 53 0.93 49.65 -14.19
N VAL C 54 1.59 50.21 -15.20
CA VAL C 54 2.71 49.55 -15.89
C VAL C 54 3.84 50.56 -16.04
N PHE C 55 4.76 50.57 -15.09
CA PHE C 55 5.82 51.59 -15.03
C PHE C 55 7.01 51.18 -15.90
N SER C 56 6.73 50.81 -17.14
CA SER C 56 7.77 50.22 -18.00
C SER C 56 8.92 51.18 -18.27
N GLY C 57 8.69 52.50 -18.20
CA GLY C 57 9.73 53.44 -18.55
C GLY C 57 10.62 53.84 -17.39
N LYS C 58 11.67 54.60 -17.72
CA LYS C 58 12.53 55.27 -16.77
C LYS C 58 12.57 56.77 -17.07
N SER C 59 12.61 57.58 -16.02
CA SER C 59 12.55 59.02 -16.19
C SER C 59 13.32 59.70 -15.06
N PRO C 60 13.85 60.90 -15.30
CA PRO C 60 14.91 61.42 -14.42
C PRO C 60 14.39 61.79 -13.04
N THR C 61 15.30 61.76 -12.07
CA THR C 61 15.04 62.19 -10.70
C THR C 61 15.58 63.61 -10.53
N GLY C 62 14.82 64.45 -9.83
CA GLY C 62 15.29 65.80 -9.56
C GLY C 62 16.33 65.87 -8.47
N ILE C 63 17.18 66.89 -8.59
CA ILE C 63 18.23 67.21 -7.62
C ILE C 63 18.44 68.71 -7.60
N ASP C 64 18.12 69.35 -6.49
CA ASP C 64 18.04 70.80 -6.44
C ASP C 64 18.22 71.26 -5.00
N MET C 65 18.92 72.38 -4.82
CA MET C 65 18.95 72.99 -3.49
C MET C 65 17.62 73.62 -3.14
N VAL C 66 16.87 74.11 -4.14
CA VAL C 66 15.62 74.81 -3.88
C VAL C 66 14.45 73.85 -3.82
N GLY C 67 14.37 72.92 -4.77
CA GLY C 67 13.29 71.95 -4.82
C GLY C 67 12.03 72.54 -5.42
N GLU C 68 12.12 72.98 -6.67
CA GLU C 68 11.05 73.77 -7.26
C GLU C 68 10.48 73.18 -8.56
N ASN C 69 11.33 72.62 -9.41
CA ASN C 69 10.86 72.09 -10.68
C ASN C 69 9.87 70.95 -10.47
N GLU C 70 8.86 70.87 -11.33
CA GLU C 70 7.82 69.86 -11.21
C GLU C 70 7.78 68.92 -12.41
N GLU C 71 8.77 69.00 -13.30
CA GLU C 71 8.86 68.06 -14.42
C GLU C 71 9.09 66.63 -13.91
N PHE C 72 9.70 66.50 -12.74
CA PHE C 72 10.23 65.25 -12.22
C PHE C 72 9.17 64.32 -11.65
N VAL C 73 7.97 64.31 -12.22
CA VAL C 73 6.92 63.41 -11.78
C VAL C 73 7.10 62.09 -12.50
N VAL C 74 6.88 60.98 -11.77
CA VAL C 74 6.80 59.67 -12.41
C VAL C 74 5.52 59.54 -13.21
N GLU C 75 5.65 59.14 -14.47
CA GLU C 75 4.52 58.73 -15.29
C GLU C 75 4.02 57.36 -14.85
N ALA C 76 2.99 56.87 -15.55
CA ALA C 76 2.75 55.44 -15.71
C ALA C 76 2.77 55.14 -17.20
N SER C 77 3.78 54.39 -17.64
CA SER C 77 4.07 54.29 -19.08
C SER C 77 2.89 53.75 -19.86
N ARG C 78 2.08 52.87 -19.27
CA ARG C 78 0.69 52.76 -19.65
C ARG C 78 -0.14 52.42 -18.41
N ARG C 79 -1.44 52.63 -18.53
CA ARG C 79 -2.41 52.14 -17.56
C ARG C 79 -3.35 51.16 -18.24
N ALA C 80 -3.67 50.07 -17.55
CA ALA C 80 -4.34 48.94 -18.18
C ALA C 80 -5.30 48.30 -17.20
N THR C 81 -6.16 47.44 -17.72
CA THR C 81 -7.07 46.63 -16.93
C THR C 81 -7.11 45.21 -17.49
N ILE C 82 -7.13 44.22 -16.59
CA ILE C 82 -7.11 42.81 -16.96
C ILE C 82 -8.29 42.11 -16.31
N ASN C 83 -8.91 41.21 -17.05
CA ASN C 83 -10.11 40.50 -16.60
C ASN C 83 -9.72 39.13 -16.04
N LEU C 84 -10.32 38.79 -14.89
CA LEU C 84 -10.11 37.51 -14.24
C LEU C 84 -11.00 36.43 -14.83
N PRO C 85 -10.47 35.48 -15.60
CA PRO C 85 -11.27 34.35 -16.05
C PRO C 85 -11.60 33.42 -14.90
N ILE C 86 -12.61 32.58 -15.11
CA ILE C 86 -12.81 31.41 -14.26
C ILE C 86 -11.93 30.26 -14.77
N LEU C 87 -11.10 29.71 -13.89
CA LEU C 87 -10.50 28.41 -14.06
C LEU C 87 -11.40 27.37 -13.41
N TYR C 88 -11.66 26.27 -14.12
CA TYR C 88 -12.53 25.25 -13.54
C TYR C 88 -12.28 23.89 -14.16
N LYS C 89 -12.64 22.86 -13.40
CA LYS C 89 -12.68 21.47 -13.85
C LYS C 89 -13.80 20.76 -13.09
N ASP C 90 -14.40 19.76 -13.72
CA ASP C 90 -15.53 19.03 -13.15
C ASP C 90 -15.13 17.61 -12.76
N PHE C 91 -15.47 17.21 -11.53
CA PHE C 91 -15.26 15.85 -11.06
C PHE C 91 -16.61 15.27 -10.62
N LYS C 92 -16.77 13.96 -10.79
CA LYS C 92 -18.09 13.33 -10.90
C LYS C 92 -18.19 12.15 -9.95
N ILE C 93 -18.65 12.43 -8.72
CA ILE C 93 -18.86 11.40 -7.70
C ILE C 93 -20.07 10.57 -8.09
N MET C 94 -19.85 9.31 -8.48
CA MET C 94 -20.91 8.46 -9.00
C MET C 94 -21.77 7.88 -7.89
N TRP C 95 -23.09 7.78 -8.18
CA TRP C 95 -24.12 7.77 -7.14
C TRP C 95 -24.01 6.58 -6.20
N ARG C 96 -23.72 5.39 -6.73
CA ARG C 96 -23.66 4.19 -5.90
C ARG C 96 -22.48 4.17 -4.94
N ASP C 97 -21.45 4.98 -5.18
CA ASP C 97 -20.40 5.14 -4.20
C ASP C 97 -20.91 5.85 -2.95
N VAL C 98 -21.93 6.70 -3.09
CA VAL C 98 -22.56 7.29 -1.92
C VAL C 98 -23.27 6.22 -1.10
N GLU C 99 -24.04 5.34 -1.74
CA GLU C 99 -24.70 4.28 -0.99
C GLU C 99 -23.69 3.30 -0.39
N ALA C 100 -22.59 3.05 -1.10
CA ALA C 100 -21.48 2.26 -0.55
C ALA C 100 -20.89 2.90 0.69
N ASP C 101 -20.90 4.22 0.78
CA ASP C 101 -20.57 4.88 2.04
C ASP C 101 -21.70 4.71 3.07
N ARG C 102 -22.95 4.91 2.63
CA ARG C 102 -24.08 4.88 3.53
C ARG C 102 -24.19 3.57 4.29
N HIS C 103 -23.91 2.45 3.63
CA HIS C 103 -24.16 1.15 4.22
C HIS C 103 -22.93 0.26 4.30
N LEU C 104 -22.09 0.24 3.28
CA LEU C 104 -20.86 -0.55 3.32
C LEU C 104 -19.71 0.17 4.01
N GLY C 105 -19.93 1.39 4.52
CA GLY C 105 -18.92 2.04 5.34
C GLY C 105 -17.65 2.49 4.64
N LEU C 106 -17.38 1.96 3.45
CA LEU C 106 -16.20 2.33 2.68
C LEU C 106 -16.31 3.75 2.14
N PRO C 107 -15.50 4.70 2.63
CA PRO C 107 -15.73 6.11 2.31
C PRO C 107 -15.54 6.45 0.85
N ILE C 108 -16.05 7.63 0.48
CA ILE C 108 -16.11 8.06 -0.90
C ILE C 108 -14.71 8.23 -1.50
N ASP C 109 -14.58 7.88 -2.78
CA ASP C 109 -13.35 8.06 -3.57
C ASP C 109 -13.23 9.53 -3.99
N VAL C 110 -12.77 10.37 -3.05
CA VAL C 110 -12.51 11.78 -3.31
C VAL C 110 -11.28 12.01 -4.18
N SER C 111 -10.60 10.93 -4.58
CA SER C 111 -9.44 11.10 -5.45
C SER C 111 -9.81 11.72 -6.80
N THR C 112 -11.05 11.53 -7.24
CA THR C 112 -11.56 12.32 -8.36
C THR C 112 -11.43 13.82 -8.07
N ALA C 113 -11.84 14.24 -6.88
CA ALA C 113 -11.74 15.64 -6.50
C ALA C 113 -10.28 16.09 -6.44
N ALA C 114 -9.40 15.26 -5.91
CA ALA C 114 -7.98 15.58 -5.91
C ALA C 114 -7.44 15.79 -7.33
N VAL C 115 -7.79 14.89 -8.25
CA VAL C 115 -7.34 15.02 -9.64
C VAL C 115 -7.89 16.28 -10.29
N ALA C 116 -9.14 16.64 -9.99
CA ALA C 116 -9.67 17.91 -10.48
C ALA C 116 -8.90 19.10 -9.91
N GLY C 117 -8.65 19.08 -8.60
CA GLY C 117 -7.88 20.15 -7.99
C GLY C 117 -6.50 20.31 -8.62
N ASN C 118 -5.84 19.19 -8.91
CA ASN C 118 -4.58 19.21 -9.64
C ASN C 118 -4.72 19.82 -11.02
N PHE C 119 -5.77 19.45 -11.76
CA PHE C 119 -5.94 20.00 -13.11
C PHE C 119 -6.21 21.50 -13.08
N VAL C 120 -6.96 21.96 -12.08
CA VAL C 120 -7.14 23.40 -11.88
C VAL C 120 -5.82 24.09 -11.57
N ALA C 121 -5.07 23.58 -10.60
CA ALA C 121 -3.80 24.20 -10.26
C ALA C 121 -2.84 24.24 -11.44
N VAL C 122 -2.76 23.14 -12.21
CA VAL C 122 -1.95 23.13 -13.42
C VAL C 122 -2.42 24.15 -14.45
N GLN C 123 -3.73 24.42 -14.51
CA GLN C 123 -4.18 25.45 -15.43
C GLN C 123 -3.83 26.84 -14.92
N GLU C 124 -3.91 27.05 -13.60
CA GLU C 124 -3.48 28.30 -13.00
C GLU C 124 -2.02 28.62 -13.31
N ASP C 125 -1.15 27.63 -13.09
CA ASP C 125 0.25 27.80 -13.48
C ASP C 125 0.41 28.02 -14.98
N HIS C 126 -0.30 27.24 -15.80
CA HIS C 126 -0.11 27.38 -17.24
C HIS C 126 -0.51 28.77 -17.70
N LEU C 127 -1.60 29.30 -17.15
CA LEU C 127 -2.00 30.68 -17.43
C LEU C 127 -0.96 31.69 -16.97
N ILE C 128 -0.39 31.50 -15.78
CA ILE C 128 0.53 32.51 -15.24
C ILE C 128 1.86 32.52 -15.98
N PHE C 129 2.40 31.34 -16.31
CA PHE C 129 3.63 31.30 -17.09
C PHE C 129 3.40 31.61 -18.57
N ASN C 130 2.27 31.22 -19.14
CA ASN C 130 1.99 31.46 -20.55
C ASN C 130 0.55 31.96 -20.69
N GLY C 131 0.40 33.28 -20.83
CA GLY C 131 -0.92 33.87 -20.93
C GLY C 131 -1.70 33.29 -22.10
N ASN C 132 -2.99 33.06 -21.86
CA ASN C 132 -3.85 32.46 -22.88
C ASN C 132 -4.06 33.42 -24.05
N VAL C 133 -3.89 32.90 -25.27
CA VAL C 133 -4.00 33.72 -26.47
C VAL C 133 -5.42 34.25 -26.63
N GLU C 134 -6.42 33.39 -26.43
CA GLU C 134 -7.81 33.77 -26.68
C GLU C 134 -8.25 34.89 -25.74
N LEU C 135 -7.86 34.80 -24.47
CA LEU C 135 -8.13 35.87 -23.51
C LEU C 135 -7.21 37.07 -23.71
N GLY C 136 -6.14 36.94 -24.49
CA GLY C 136 -5.19 38.01 -24.65
C GLY C 136 -4.40 38.36 -23.42
N HIS C 137 -4.36 37.47 -22.43
CA HIS C 137 -3.47 37.65 -21.30
C HIS C 137 -2.02 37.51 -21.76
N ASP C 138 -1.10 38.01 -20.94
CA ASP C 138 0.31 37.71 -21.11
C ASP C 138 0.88 37.09 -19.84
N GLY C 139 1.86 36.21 -20.03
CA GLY C 139 2.57 35.59 -18.94
C GLY C 139 4.07 35.79 -19.05
N LEU C 140 4.78 35.23 -18.07
CA LEU C 140 6.19 35.54 -17.88
C LEU C 140 7.04 35.19 -19.09
N PHE C 141 6.58 34.31 -19.96
CA PHE C 141 7.29 34.00 -21.19
C PHE C 141 6.71 34.72 -22.41
N THR C 142 5.66 35.52 -22.22
CA THR C 142 5.04 36.24 -23.33
C THR C 142 5.08 37.75 -23.17
N VAL C 143 5.34 38.25 -21.96
CA VAL C 143 5.59 39.68 -21.77
C VAL C 143 6.70 40.14 -22.70
N LYS C 144 6.43 41.20 -23.46
CA LYS C 144 7.33 41.62 -24.52
C LYS C 144 8.45 42.53 -24.03
N ASP C 145 8.28 43.19 -22.88
CA ASP C 145 9.29 44.09 -22.36
C ASP C 145 10.39 43.38 -21.61
N ARG C 146 10.15 42.13 -21.20
CA ARG C 146 11.02 41.43 -20.27
C ARG C 146 12.47 41.38 -20.75
N GLN C 147 13.38 41.28 -19.79
CA GLN C 147 14.77 40.94 -20.08
C GLN C 147 14.86 39.53 -20.66
N THR C 148 15.94 39.29 -21.40
CA THR C 148 16.22 37.96 -21.93
C THR C 148 17.71 37.69 -21.86
N VAL C 149 18.05 36.41 -21.68
CA VAL C 149 19.43 35.94 -21.64
C VAL C 149 19.55 34.72 -22.54
N ALA C 150 20.58 34.69 -23.38
CA ALA C 150 20.81 33.53 -24.24
C ALA C 150 21.28 32.35 -23.41
N ILE C 151 20.48 31.28 -23.40
CA ILE C 151 20.82 30.09 -22.63
C ILE C 151 22.01 29.38 -23.26
N SER C 152 22.88 28.83 -22.42
CA SER C 152 24.00 28.03 -22.86
C SER C 152 23.64 26.54 -22.83
N ASP C 153 24.58 25.71 -23.27
CA ASP C 153 24.46 24.26 -23.18
C ASP C 153 24.71 23.82 -21.74
N TRP C 154 23.63 23.69 -20.96
CA TRP C 154 23.76 23.28 -19.57
C TRP C 154 24.22 21.83 -19.39
N ASN C 155 24.48 21.10 -20.47
CA ASN C 155 25.22 19.84 -20.35
C ASN C 155 26.67 20.05 -19.93
N GLU C 156 27.21 21.25 -20.07
CA GLU C 156 28.51 21.59 -19.51
C GLU C 156 28.39 22.02 -18.05
N THR C 157 29.45 21.78 -17.29
CA THR C 157 29.45 22.10 -15.88
C THR C 157 29.61 23.60 -15.68
N GLY C 158 28.87 24.14 -14.71
CA GLY C 158 28.92 25.55 -14.40
C GLY C 158 28.16 26.44 -15.35
N ALA C 159 27.69 25.91 -16.48
CA ALA C 159 27.01 26.74 -17.47
C ALA C 159 25.70 27.29 -16.93
N ALA C 160 25.02 26.54 -16.07
CA ALA C 160 23.80 27.02 -15.46
C ALA C 160 24.07 28.13 -14.46
N LEU C 161 25.16 28.00 -13.69
CA LEU C 161 25.60 29.11 -12.85
C LEU C 161 25.95 30.32 -13.68
N ALA C 162 26.64 30.12 -14.81
CA ALA C 162 26.99 31.24 -15.68
C ALA C 162 25.75 31.95 -16.21
N ASP C 163 24.76 31.20 -16.69
CA ASP C 163 23.54 31.82 -17.20
C ASP C 163 22.72 32.49 -16.10
N VAL C 164 22.66 31.88 -14.91
CA VAL C 164 22.03 32.57 -13.78
C VAL C 164 22.75 33.87 -13.45
N VAL C 165 24.08 33.86 -13.51
CA VAL C 165 24.84 35.08 -13.28
C VAL C 165 24.53 36.14 -14.32
N LYS C 166 24.40 35.74 -15.59
CA LYS C 166 23.92 36.65 -16.63
C LYS C 166 22.56 37.24 -16.29
N ALA C 167 21.62 36.39 -15.86
CA ALA C 167 20.27 36.86 -15.57
C ALA C 167 20.24 37.82 -14.38
N VAL C 168 21.00 37.52 -13.32
CA VAL C 168 21.15 38.46 -12.22
C VAL C 168 21.86 39.73 -12.65
N GLY C 169 22.78 39.65 -13.59
CA GLY C 169 23.36 40.83 -14.22
C GLY C 169 22.33 41.73 -14.85
N ALA C 170 21.53 41.16 -15.74
CA ALA C 170 20.52 41.93 -16.46
C ALA C 170 19.47 42.51 -15.51
N LEU C 171 18.98 41.70 -14.56
CA LEU C 171 18.05 42.23 -13.56
C LEU C 171 18.66 43.36 -12.73
N SER C 172 19.92 43.21 -12.32
CA SER C 172 20.57 44.27 -11.56
C SER C 172 20.68 45.54 -12.38
N GLN C 173 21.16 45.42 -13.62
CA GLN C 173 21.26 46.58 -14.50
C GLN C 173 19.90 47.20 -14.80
N ALA C 174 18.81 46.44 -14.68
CA ALA C 174 17.50 47.05 -14.82
C ALA C 174 17.06 47.80 -13.57
N GLY C 175 17.86 47.81 -12.51
CA GLY C 175 17.50 48.43 -11.27
C GLY C 175 16.91 47.51 -10.22
N HIS C 176 16.79 46.22 -10.52
CA HIS C 176 16.14 45.26 -9.63
C HIS C 176 17.22 44.44 -8.91
N TYR C 177 17.55 44.84 -7.70
CA TYR C 177 18.28 43.97 -6.80
C TYR C 177 17.36 42.88 -6.26
N GLY C 178 17.96 41.90 -5.58
CA GLY C 178 17.24 40.76 -5.09
C GLY C 178 16.25 41.06 -3.98
N PRO C 179 15.70 40.01 -3.37
CA PRO C 179 15.99 38.58 -3.62
C PRO C 179 15.29 38.07 -4.86
N TYR C 180 16.06 37.51 -5.79
CA TYR C 180 15.53 36.86 -6.96
C TYR C 180 14.95 35.49 -6.62
N ALA C 181 13.99 35.04 -7.42
CA ALA C 181 13.57 33.65 -7.42
C ALA C 181 13.45 33.18 -8.87
N MET C 182 13.57 31.86 -9.06
CA MET C 182 13.67 31.29 -10.39
C MET C 182 12.82 30.04 -10.48
N VAL C 183 12.31 29.75 -11.67
CA VAL C 183 11.59 28.53 -11.95
C VAL C 183 12.19 27.91 -13.20
N VAL C 184 12.43 26.61 -13.16
CA VAL C 184 13.23 25.92 -14.18
C VAL C 184 12.47 24.71 -14.70
N SER C 185 12.47 24.54 -16.01
CA SER C 185 11.91 23.32 -16.58
C SER C 185 12.70 22.11 -16.08
N PRO C 186 12.03 20.99 -15.79
CA PRO C 186 12.69 19.91 -15.04
C PRO C 186 13.82 19.23 -15.81
N VAL C 187 13.83 19.33 -17.14
CA VAL C 187 14.94 18.81 -17.93
C VAL C 187 16.21 19.59 -17.66
N LEU C 188 16.09 20.87 -17.30
CA LEU C 188 17.27 21.62 -16.88
C LEU C 188 17.54 21.41 -15.40
N PHE C 189 16.48 21.38 -14.58
CA PHE C 189 16.68 21.25 -13.15
C PHE C 189 17.43 19.97 -12.83
N GLY C 190 17.18 18.90 -13.57
CA GLY C 190 18.00 17.71 -13.41
C GLY C 190 19.47 17.97 -13.68
N ARG C 191 19.76 18.78 -14.71
CA ARG C 191 21.13 19.15 -15.05
C ARG C 191 21.74 20.11 -14.05
N MET C 192 20.95 20.70 -13.16
CA MET C 192 21.48 21.51 -12.08
C MET C 192 21.95 20.70 -10.88
N ILE C 193 21.67 19.39 -10.85
CA ILE C 193 22.14 18.54 -9.75
C ILE C 193 23.45 17.91 -10.20
N ARG C 194 24.54 18.63 -9.97
CA ARG C 194 25.91 18.20 -10.25
C ARG C 194 26.78 18.73 -9.12
N VAL C 195 27.89 18.05 -8.86
CA VAL C 195 28.95 18.68 -8.09
C VAL C 195 29.63 19.75 -8.95
N PHE C 196 29.92 20.89 -8.34
CA PHE C 196 30.50 22.03 -9.05
C PHE C 196 31.95 22.20 -8.65
N GLY C 197 32.85 22.10 -9.62
CA GLY C 197 34.28 22.15 -9.37
C GLY C 197 34.72 21.26 -8.22
N TRP C 198 35.50 21.83 -7.31
CA TRP C 198 35.77 21.25 -6.00
C TRP C 198 35.06 21.99 -4.87
N THR C 199 33.99 22.72 -5.16
CA THR C 199 33.47 23.65 -4.16
C THR C 199 32.78 22.95 -3.00
N GLY C 200 32.66 21.63 -3.02
CA GLY C 200 32.08 20.90 -1.91
C GLY C 200 30.61 21.12 -1.71
N MET C 201 29.87 21.40 -2.79
CA MET C 201 28.41 21.43 -2.76
C MET C 201 27.94 21.41 -4.21
N LEU C 202 26.65 21.18 -4.39
CA LEU C 202 26.11 21.05 -5.73
C LEU C 202 26.11 22.41 -6.44
N GLU C 203 26.06 22.34 -7.77
CA GLU C 203 25.78 23.54 -8.57
C GLU C 203 24.46 24.18 -8.15
N LEU C 204 23.46 23.35 -7.88
CA LEU C 204 22.20 23.84 -7.34
C LEU C 204 22.41 24.58 -6.03
N ASP C 205 23.39 24.17 -5.23
CA ASP C 205 23.58 24.87 -3.96
C ASP C 205 24.21 26.24 -4.18
N GLN C 206 25.02 26.39 -5.23
CA GLN C 206 25.46 27.72 -5.64
C GLN C 206 24.28 28.57 -6.07
N VAL C 207 23.42 28.02 -6.94
CA VAL C 207 22.33 28.82 -7.45
C VAL C 207 21.36 29.21 -6.35
N LYS C 208 21.03 28.27 -5.45
CA LYS C 208 20.21 28.59 -4.29
C LYS C 208 20.89 29.56 -3.34
N ALA C 209 22.23 29.65 -3.36
CA ALA C 209 22.87 30.64 -2.51
C ALA C 209 22.86 32.02 -3.16
N LEU C 210 22.85 32.08 -4.48
CA LEU C 210 22.78 33.34 -5.21
C LEU C 210 21.34 33.79 -5.42
N ILE C 211 20.46 32.86 -5.78
CA ILE C 211 19.03 33.12 -5.94
C ILE C 211 18.30 32.81 -4.64
N THR C 212 18.41 33.72 -3.67
CA THR C 212 18.04 33.44 -2.29
C THR C 212 16.54 33.23 -2.10
N GLY C 213 15.72 33.53 -3.11
CA GLY C 213 14.31 33.19 -3.02
C GLY C 213 13.99 31.74 -3.33
N GLY C 214 14.98 30.96 -3.74
CA GLY C 214 14.83 29.54 -4.00
C GLY C 214 14.64 29.24 -5.46
N VAL C 215 15.02 28.01 -5.85
CA VAL C 215 14.82 27.49 -7.19
C VAL C 215 13.69 26.49 -7.16
N HIS C 216 12.68 26.70 -8.00
CA HIS C 216 11.59 25.76 -8.16
C HIS C 216 11.59 25.22 -9.57
N TYR C 217 10.68 24.28 -9.83
CA TYR C 217 10.59 23.63 -11.12
C TYR C 217 9.13 23.32 -11.44
N SER C 218 8.84 23.19 -12.72
CA SER C 218 7.53 22.75 -13.18
C SER C 218 7.60 22.34 -14.64
N ASN C 219 6.99 21.19 -14.95
CA ASN C 219 6.77 20.77 -16.34
C ASN C 219 5.87 21.70 -17.12
N VAL C 220 5.24 22.68 -16.47
CA VAL C 220 4.47 23.69 -17.18
C VAL C 220 5.35 24.53 -18.07
N ILE C 221 6.57 24.81 -17.63
CA ILE C 221 7.53 25.54 -18.45
C ILE C 221 8.11 24.61 -19.51
N GLY C 222 8.15 25.09 -20.75
CA GLY C 222 8.69 24.29 -21.83
C GLY C 222 10.13 23.90 -21.58
N GLY C 223 10.51 22.76 -22.18
CA GLY C 223 11.84 22.22 -21.94
C GLY C 223 12.94 23.16 -22.42
N SER C 224 14.03 23.22 -21.65
CA SER C 224 15.17 24.10 -21.90
C SER C 224 14.83 25.59 -21.71
N LYS C 225 13.97 25.90 -20.74
CA LYS C 225 13.70 27.29 -20.41
C LYS C 225 13.79 27.48 -18.90
N ALA C 226 14.04 28.73 -18.49
CA ALA C 226 13.90 29.12 -17.11
C ALA C 226 13.54 30.60 -17.05
N VAL C 227 12.91 31.00 -15.93
CA VAL C 227 12.47 32.37 -15.73
C VAL C 227 12.93 32.83 -14.35
N VAL C 228 13.38 34.08 -14.27
CA VAL C 228 13.95 34.63 -13.04
C VAL C 228 13.20 35.90 -12.69
N VAL C 229 12.80 36.04 -11.43
CA VAL C 229 11.85 37.07 -11.01
C VAL C 229 12.44 37.83 -9.83
N ALA C 230 12.44 39.14 -9.92
CA ALA C 230 12.68 40.00 -8.75
C ALA C 230 11.41 40.02 -7.91
N THR C 231 11.38 39.20 -6.86
CA THR C 231 10.16 38.93 -6.14
C THR C 231 9.63 40.18 -5.43
N GLY C 232 8.37 40.08 -5.01
CA GLY C 232 7.72 41.11 -4.21
C GLY C 232 6.52 41.75 -4.87
N SER C 233 5.57 42.21 -4.04
CA SER C 233 4.36 42.85 -4.55
C SER C 233 4.66 44.12 -5.33
N GLN C 234 5.86 44.68 -5.18
CA GLN C 234 6.27 45.79 -6.03
C GLN C 234 6.30 45.41 -7.51
N ASN C 235 6.68 44.18 -7.83
CA ASN C 235 6.91 43.82 -9.22
C ASN C 235 5.80 42.97 -9.81
N LEU C 236 5.34 41.95 -9.10
CA LEU C 236 4.31 41.06 -9.60
C LEU C 236 3.34 40.71 -8.48
N ASN C 237 2.08 40.55 -8.84
CA ASN C 237 1.09 39.99 -7.94
C ASN C 237 0.19 39.03 -8.71
N LEU C 238 -0.36 38.06 -8.00
CA LEU C 238 -1.43 37.21 -8.52
C LEU C 238 -2.73 37.63 -7.85
N ALA C 239 -3.67 38.13 -8.66
CA ALA C 239 -4.99 38.44 -8.15
C ALA C 239 -5.81 37.17 -8.00
N LEU C 240 -6.52 37.05 -6.89
CA LEU C 240 -7.53 36.02 -6.71
C LEU C 240 -8.90 36.66 -6.56
N GLY C 241 -9.83 36.28 -7.43
CA GLY C 241 -11.21 36.65 -7.24
C GLY C 241 -11.86 35.78 -6.19
N GLN C 242 -12.34 34.60 -6.57
CA GLN C 242 -12.69 33.55 -5.63
C GLN C 242 -11.53 32.56 -5.52
N ASP C 243 -10.94 32.47 -4.32
CA ASP C 243 -9.91 31.48 -4.07
C ASP C 243 -10.49 30.07 -4.15
N MET C 244 -9.66 29.13 -4.63
CA MET C 244 -10.11 27.83 -5.12
C MET C 244 -11.13 27.16 -4.20
N VAL C 245 -12.29 26.79 -4.75
CA VAL C 245 -13.41 26.26 -3.98
C VAL C 245 -14.08 25.19 -4.84
N THR C 246 -14.89 24.36 -4.18
CA THR C 246 -15.65 23.29 -4.80
C THR C 246 -17.12 23.69 -4.85
N ALA C 247 -17.73 23.55 -6.02
CA ALA C 247 -19.12 23.91 -6.21
C ALA C 247 -19.88 22.76 -6.85
N TYR C 248 -21.09 22.52 -6.36
CA TYR C 248 -21.98 21.52 -6.91
C TYR C 248 -22.59 22.03 -8.21
N MET C 249 -23.16 21.11 -9.00
CA MET C 249 -23.91 21.47 -10.19
C MET C 249 -25.24 20.74 -10.29
N GLY C 250 -25.73 20.19 -9.18
CA GLY C 250 -26.89 19.33 -9.20
C GLY C 250 -26.58 17.96 -9.76
N PRO C 251 -27.55 17.05 -9.69
CA PRO C 251 -27.39 15.76 -10.37
C PRO C 251 -27.42 15.92 -11.89
N THR C 252 -26.48 15.25 -12.56
CA THR C 252 -26.53 15.05 -14.00
C THR C 252 -26.42 13.55 -14.24
N SER C 253 -27.42 13.00 -14.94
CA SER C 253 -27.79 11.60 -14.77
C SER C 253 -28.08 11.33 -13.29
N MET C 254 -28.03 10.06 -12.88
CA MET C 254 -28.09 9.77 -11.46
C MET C 254 -26.88 10.29 -10.71
N ASN C 255 -25.77 10.51 -11.40
CA ASN C 255 -24.50 10.83 -10.75
C ASN C 255 -24.48 12.28 -10.28
N HIS C 256 -23.61 12.54 -9.31
CA HIS C 256 -23.44 13.88 -8.74
C HIS C 256 -22.18 14.50 -9.32
N VAL C 257 -22.32 15.67 -9.96
CA VAL C 257 -21.22 16.37 -10.60
C VAL C 257 -20.88 17.60 -9.77
N PHE C 258 -19.59 17.79 -9.48
CA PHE C 258 -19.12 18.97 -8.78
C PHE C 258 -18.08 19.69 -9.62
N ARG C 259 -17.99 21.01 -9.42
CA ARG C 259 -17.03 21.85 -10.10
C ARG C 259 -16.05 22.45 -9.09
N VAL C 260 -14.76 22.23 -9.32
CA VAL C 260 -13.72 23.00 -8.67
C VAL C 260 -13.40 24.21 -9.54
N LEU C 261 -13.42 25.40 -8.96
CA LEU C 261 -13.24 26.61 -9.73
C LEU C 261 -12.38 27.62 -8.98
N GLU C 262 -11.69 28.47 -9.75
CA GLU C 262 -10.91 29.56 -9.21
C GLU C 262 -10.78 30.64 -10.28
N THR C 263 -10.81 31.90 -9.84
CA THR C 263 -10.61 33.06 -10.71
C THR C 263 -9.31 33.77 -10.35
N ALA C 264 -8.34 33.76 -11.26
CA ALA C 264 -7.05 34.36 -10.98
C ALA C 264 -6.39 34.81 -12.28
N ALA C 265 -5.59 35.87 -12.19
CA ALA C 265 -4.87 36.40 -13.34
C ALA C 265 -3.62 37.13 -12.90
N LEU C 266 -2.64 37.18 -13.80
CA LEU C 266 -1.34 37.82 -13.56
C LEU C 266 -1.36 39.27 -14.01
N LEU C 267 -1.00 40.19 -13.12
CA LEU C 267 -0.78 41.59 -13.48
C LEU C 267 0.72 41.92 -13.37
N VAL C 268 1.33 42.24 -14.50
CA VAL C 268 2.78 42.37 -14.63
C VAL C 268 3.19 43.81 -14.34
N ARG C 269 3.05 44.24 -13.08
CA ARG C 269 3.20 45.65 -12.74
C ARG C 269 4.53 46.25 -13.18
N ARG C 270 5.62 45.48 -13.19
CA ARG C 270 6.89 45.94 -13.73
C ARG C 270 7.47 44.96 -14.74
N PRO C 271 7.12 45.10 -16.01
CA PRO C 271 7.61 44.16 -17.04
C PRO C 271 9.12 44.12 -17.20
N ASP C 272 9.86 45.04 -16.60
CA ASP C 272 11.31 45.00 -16.63
C ASP C 272 11.92 44.21 -15.48
N ALA C 273 11.10 43.74 -14.55
CA ALA C 273 11.56 43.00 -13.38
C ALA C 273 11.68 41.50 -13.65
N ILE C 274 11.55 41.08 -14.89
CA ILE C 274 11.52 39.67 -15.25
C ILE C 274 12.60 39.40 -16.29
N CYS C 275 13.31 38.30 -16.12
CA CYS C 275 14.19 37.77 -17.16
C CYS C 275 13.87 36.31 -17.41
N THR C 276 13.81 35.95 -18.69
CA THR C 276 13.70 34.56 -19.12
C THR C 276 15.02 34.10 -19.74
N ILE C 277 15.48 32.93 -19.33
CA ILE C 277 16.73 32.36 -19.81
C ILE C 277 16.37 31.31 -20.85
N GLU C 278 16.66 31.61 -22.11
CA GLU C 278 16.13 30.82 -23.22
C GLU C 278 16.89 31.11 -24.52
N MET D 1 -33.78 4.57 1.73
CA MET D 1 -32.62 4.79 0.88
C MET D 1 -32.48 6.26 0.51
N ASP D 2 -31.24 6.71 0.34
CA ASP D 2 -30.95 8.11 0.08
C ASP D 2 -30.94 8.45 -1.41
N PHE D 3 -30.22 7.65 -2.20
CA PHE D 3 -30.00 7.99 -3.61
C PHE D 3 -31.31 8.18 -4.36
N LEU D 4 -32.37 7.51 -3.94
CA LEU D 4 -33.64 7.52 -4.65
C LEU D 4 -34.38 8.78 -4.26
N ASP D 5 -34.29 9.81 -5.08
CA ASP D 5 -34.97 11.06 -4.77
C ASP D 5 -36.47 10.88 -4.94
N ARG D 6 -37.20 11.04 -3.84
CA ARG D 6 -38.65 10.90 -3.85
C ARG D 6 -39.32 12.06 -3.14
N ASN D 7 -38.59 13.13 -2.86
CA ASN D 7 -39.11 14.29 -2.14
C ASN D 7 -38.96 15.60 -2.89
N ALA D 8 -37.91 15.75 -3.70
CA ALA D 8 -37.82 16.92 -4.56
C ALA D 8 -38.74 16.80 -5.78
N ALA D 9 -39.15 15.58 -6.13
CA ALA D 9 -40.15 15.41 -7.17
C ALA D 9 -41.50 15.96 -6.69
N PRO D 10 -42.34 16.43 -7.62
CA PRO D 10 -43.63 17.00 -7.20
C PRO D 10 -44.67 15.95 -6.86
N LEU D 11 -44.50 14.72 -7.36
CA LEU D 11 -45.59 13.75 -7.37
C LEU D 11 -45.94 13.30 -5.96
N ASN D 12 -47.24 13.15 -5.69
CA ASN D 12 -47.66 12.63 -4.40
C ASN D 12 -47.37 11.13 -4.28
N GLU D 13 -47.49 10.63 -3.04
CA GLU D 13 -47.47 9.20 -2.80
C GLU D 13 -48.58 8.46 -3.54
N GLY D 14 -49.76 9.07 -3.68
CA GLY D 14 -50.83 8.47 -4.47
C GLY D 14 -50.53 8.34 -5.94
N GLU D 15 -49.55 9.09 -6.45
CA GLU D 15 -48.99 8.88 -7.77
C GLU D 15 -47.88 7.83 -7.75
N TRP D 16 -46.98 7.92 -6.77
CA TRP D 16 -45.86 6.98 -6.67
C TRP D 16 -46.34 5.55 -6.59
N GLN D 17 -47.35 5.29 -5.74
CA GLN D 17 -47.89 3.94 -5.60
C GLN D 17 -48.43 3.39 -6.92
N ARG D 18 -49.12 4.23 -7.70
CA ARG D 18 -49.56 3.82 -9.03
C ARG D 18 -48.37 3.52 -9.93
N ILE D 19 -47.36 4.39 -9.93
CA ILE D 19 -46.26 4.25 -10.87
C ILE D 19 -45.47 2.98 -10.56
N ASP D 20 -45.10 2.80 -9.30
CA ASP D 20 -44.40 1.59 -8.89
C ASP D 20 -45.22 0.33 -9.14
N GLU D 21 -46.53 0.35 -8.84
CA GLU D 21 -47.35 -0.82 -9.14
C GLU D 21 -47.40 -1.13 -10.63
N ALA D 22 -47.44 -0.09 -11.47
CA ALA D 22 -47.38 -0.29 -12.93
C ALA D 22 -46.05 -0.87 -13.39
N VAL D 23 -44.97 -0.48 -12.73
CA VAL D 23 -43.67 -1.07 -13.04
C VAL D 23 -43.64 -2.54 -12.60
N VAL D 24 -44.00 -2.80 -11.35
CA VAL D 24 -43.93 -4.16 -10.81
C VAL D 24 -44.79 -5.10 -11.66
N SER D 25 -46.05 -4.73 -11.88
CA SER D 25 -46.95 -5.54 -12.70
C SER D 25 -46.44 -5.73 -14.14
N THR D 26 -45.81 -4.71 -14.72
CA THR D 26 -45.26 -4.90 -16.06
C THR D 26 -44.07 -5.85 -16.05
N ALA D 27 -43.23 -5.77 -15.02
CA ALA D 27 -42.14 -6.73 -14.88
C ALA D 27 -42.69 -8.14 -14.74
N ARG D 28 -43.59 -8.34 -13.78
CA ARG D 28 -44.12 -9.67 -13.49
C ARG D 28 -44.85 -10.27 -14.69
N ARG D 29 -45.46 -9.45 -15.54
CA ARG D 29 -45.92 -9.98 -16.81
C ARG D 29 -44.75 -10.34 -17.72
N THR D 30 -43.78 -9.45 -17.84
CA THR D 30 -42.82 -9.53 -18.95
C THR D 30 -41.81 -10.65 -18.73
N LEU D 31 -41.31 -10.79 -17.51
CA LEU D 31 -40.11 -11.58 -17.26
C LEU D 31 -40.34 -13.06 -17.55
N VAL D 32 -39.30 -13.71 -18.06
CA VAL D 32 -39.18 -15.15 -18.04
C VAL D 32 -38.24 -15.64 -16.96
N ALA D 33 -37.12 -14.92 -16.75
CA ALA D 33 -36.03 -15.43 -15.91
C ALA D 33 -36.48 -15.70 -14.48
N ARG D 34 -37.23 -14.78 -13.87
CA ARG D 34 -37.68 -15.03 -12.50
C ARG D 34 -38.68 -16.17 -12.38
N ARG D 35 -38.99 -16.86 -13.47
CA ARG D 35 -39.70 -18.13 -13.41
C ARG D 35 -38.71 -19.28 -13.29
N ILE D 36 -37.78 -19.36 -14.24
CA ILE D 36 -36.81 -20.45 -14.27
C ILE D 36 -35.79 -20.30 -13.14
N ILE D 37 -35.51 -19.07 -12.74
CA ILE D 37 -34.43 -18.75 -11.81
C ILE D 37 -35.02 -18.02 -10.62
N ASP D 38 -34.54 -18.35 -9.42
CA ASP D 38 -34.99 -17.68 -8.21
C ASP D 38 -34.30 -16.34 -8.02
N VAL D 39 -35.02 -15.41 -7.36
CA VAL D 39 -34.44 -14.19 -6.82
C VAL D 39 -33.55 -14.50 -5.62
N LEU D 40 -32.35 -13.94 -5.63
CA LEU D 40 -31.49 -13.86 -4.44
C LEU D 40 -31.50 -12.42 -3.93
N GLY D 41 -31.68 -12.27 -2.61
CA GLY D 41 -31.81 -10.96 -2.01
C GLY D 41 -33.26 -10.52 -1.97
N PRO D 42 -33.55 -9.29 -2.40
CA PRO D 42 -32.66 -8.22 -2.88
C PRO D 42 -31.73 -7.67 -1.79
N LEU D 43 -30.63 -7.03 -2.20
CA LEU D 43 -29.50 -6.75 -1.31
C LEU D 43 -29.37 -5.28 -0.96
N GLY D 44 -30.19 -4.41 -1.54
CA GLY D 44 -29.99 -2.98 -1.49
C GLY D 44 -29.17 -2.43 -2.64
N SER D 45 -29.14 -1.10 -2.69
CA SER D 45 -28.35 -0.38 -3.69
C SER D 45 -26.86 -0.70 -3.59
N GLY D 46 -26.32 -0.74 -2.38
CA GLY D 46 -24.90 -0.51 -2.17
C GLY D 46 -23.96 -1.63 -2.54
N VAL D 47 -24.46 -2.82 -2.86
CA VAL D 47 -23.57 -3.93 -3.23
C VAL D 47 -23.16 -3.80 -4.70
N TYR D 48 -21.90 -3.41 -4.91
CA TYR D 48 -21.37 -3.31 -6.26
C TYR D 48 -21.03 -4.66 -6.87
N SER D 49 -20.60 -5.62 -6.05
CA SER D 49 -20.18 -6.92 -6.55
C SER D 49 -20.37 -7.95 -5.45
N ILE D 50 -20.55 -9.21 -5.86
CA ILE D 50 -20.89 -10.30 -4.96
C ILE D 50 -19.83 -11.38 -5.08
N PRO D 51 -19.28 -11.88 -3.97
CA PRO D 51 -18.47 -13.11 -4.02
C PRO D 51 -19.38 -14.33 -4.08
N TYR D 52 -19.09 -15.26 -4.97
CA TYR D 52 -19.91 -16.46 -5.08
C TYR D 52 -19.04 -17.68 -5.33
N SER D 53 -19.39 -18.78 -4.65
CA SER D 53 -18.70 -20.05 -4.81
C SER D 53 -19.11 -20.75 -6.09
N VAL D 54 -18.14 -21.39 -6.76
CA VAL D 54 -18.43 -22.34 -7.82
C VAL D 54 -18.13 -23.74 -7.31
N PHE D 55 -19.11 -24.63 -7.41
CA PHE D 55 -18.93 -26.02 -6.97
C PHE D 55 -18.40 -26.90 -8.08
N SER D 56 -19.17 -27.04 -9.17
CA SER D 56 -18.74 -27.68 -10.41
C SER D 56 -17.93 -28.96 -10.20
N GLY D 57 -18.36 -29.81 -9.28
CA GLY D 57 -17.64 -31.04 -9.01
C GLY D 57 -18.55 -32.11 -8.45
N LYS D 58 -18.21 -33.36 -8.76
CA LYS D 58 -19.02 -34.53 -8.43
C LYS D 58 -18.29 -35.34 -7.37
N SER D 59 -18.96 -35.58 -6.24
CA SER D 59 -18.32 -36.22 -5.11
C SER D 59 -19.37 -36.97 -4.30
N PRO D 60 -18.97 -37.98 -3.53
CA PRO D 60 -19.93 -38.94 -2.97
C PRO D 60 -20.61 -38.35 -1.73
N THR D 61 -21.47 -39.17 -1.13
CA THR D 61 -22.19 -38.80 0.08
C THR D 61 -21.93 -39.84 1.16
N GLY D 62 -21.94 -39.39 2.42
CA GLY D 62 -21.61 -40.27 3.53
C GLY D 62 -22.78 -41.15 3.94
N ILE D 63 -22.47 -42.42 4.22
CA ILE D 63 -23.47 -43.42 4.52
C ILE D 63 -22.88 -44.42 5.52
N ASP D 64 -23.14 -44.21 6.81
CA ASP D 64 -22.53 -45.02 7.84
C ASP D 64 -23.34 -44.86 9.12
N MET D 65 -23.18 -45.82 10.03
CA MET D 65 -23.86 -45.76 11.31
C MET D 65 -23.38 -44.62 12.21
N VAL D 66 -22.17 -44.12 12.00
CA VAL D 66 -21.66 -43.03 12.83
C VAL D 66 -20.91 -42.00 12.00
N GLY D 67 -20.54 -42.37 10.77
CA GLY D 67 -20.01 -41.42 9.81
C GLY D 67 -18.64 -40.89 10.19
N GLU D 68 -17.69 -41.80 10.40
CA GLU D 68 -16.33 -41.39 10.76
C GLU D 68 -15.70 -40.49 9.71
N ASN D 69 -15.77 -40.89 8.44
CA ASN D 69 -14.98 -40.24 7.40
C ASN D 69 -15.40 -38.80 7.16
N GLU D 70 -14.42 -37.98 6.78
CA GLU D 70 -14.63 -36.59 6.41
C GLU D 70 -14.17 -36.31 4.98
N GLU D 71 -14.08 -37.35 4.15
CA GLU D 71 -13.86 -37.18 2.72
C GLU D 71 -14.97 -36.37 2.06
N PHE D 72 -16.16 -36.37 2.64
CA PHE D 72 -17.40 -36.03 1.94
C PHE D 72 -17.73 -34.55 2.01
N VAL D 73 -16.74 -33.67 2.21
CA VAL D 73 -17.01 -32.25 2.17
C VAL D 73 -17.29 -31.82 0.73
N VAL D 74 -18.28 -30.94 0.56
CA VAL D 74 -18.43 -30.16 -0.66
C VAL D 74 -17.27 -29.19 -0.84
N GLU D 75 -16.66 -29.21 -2.02
CA GLU D 75 -15.48 -28.41 -2.33
C GLU D 75 -15.86 -27.29 -3.28
N ALA D 76 -15.52 -26.06 -2.92
CA ALA D 76 -15.59 -24.91 -3.84
C ALA D 76 -14.44 -25.00 -4.84
N SER D 77 -14.75 -25.45 -6.06
CA SER D 77 -13.71 -25.59 -7.07
C SER D 77 -13.04 -24.25 -7.40
N ARG D 78 -13.81 -23.16 -7.42
CA ARG D 78 -13.24 -21.82 -7.37
C ARG D 78 -14.24 -20.87 -6.73
N ARG D 79 -13.74 -19.95 -5.90
CA ARG D 79 -14.59 -18.96 -5.24
C ARG D 79 -14.48 -17.64 -6.00
N ALA D 80 -15.19 -17.58 -7.13
CA ALA D 80 -15.12 -16.43 -8.04
C ALA D 80 -16.01 -15.29 -7.54
N THR D 81 -16.12 -14.23 -8.35
CA THR D 81 -16.87 -13.02 -8.03
C THR D 81 -17.47 -12.47 -9.30
N ILE D 82 -18.50 -11.64 -9.15
CA ILE D 82 -19.07 -10.92 -10.29
C ILE D 82 -19.54 -9.53 -9.83
N ASN D 83 -19.46 -8.58 -10.76
CA ASN D 83 -19.90 -7.20 -10.55
C ASN D 83 -21.32 -7.01 -11.08
N LEU D 84 -22.15 -6.30 -10.30
CA LEU D 84 -23.55 -6.07 -10.63
C LEU D 84 -23.75 -4.82 -11.49
N PRO D 85 -24.02 -4.97 -12.79
CA PRO D 85 -24.31 -3.80 -13.61
C PRO D 85 -25.64 -3.18 -13.24
N ILE D 86 -25.80 -1.89 -13.57
CA ILE D 86 -27.10 -1.26 -13.60
C ILE D 86 -27.72 -1.42 -14.99
N LEU D 87 -28.95 -1.92 -15.03
CA LEU D 87 -29.86 -1.75 -16.15
C LEU D 87 -30.80 -0.59 -15.87
N TYR D 88 -31.00 0.28 -16.85
CA TYR D 88 -31.86 1.43 -16.64
C TYR D 88 -32.51 1.84 -17.96
N LYS D 89 -33.63 2.55 -17.84
CA LYS D 89 -34.16 3.36 -18.93
C LYS D 89 -34.95 4.52 -18.35
N ASP D 90 -35.04 5.61 -19.11
CA ASP D 90 -35.53 6.89 -18.62
C ASP D 90 -36.77 7.34 -19.39
N PHE D 91 -37.64 8.06 -18.71
CA PHE D 91 -38.91 8.48 -19.30
C PHE D 91 -39.33 9.81 -18.68
N LYS D 92 -40.12 10.57 -19.44
CA LYS D 92 -40.54 11.92 -19.05
C LYS D 92 -42.01 11.94 -18.70
N ILE D 93 -42.35 12.65 -17.62
CA ILE D 93 -43.73 13.05 -17.33
C ILE D 93 -43.83 14.57 -17.48
N MET D 94 -44.68 15.01 -18.40
CA MET D 94 -44.79 16.43 -18.72
C MET D 94 -45.36 17.23 -17.55
N TRP D 95 -44.84 18.46 -17.37
CA TRP D 95 -45.33 19.35 -16.32
C TRP D 95 -46.82 19.62 -16.46
N ARG D 96 -47.31 19.67 -17.70
CA ARG D 96 -48.74 19.84 -17.94
C ARG D 96 -49.52 18.71 -17.29
N ASP D 97 -49.07 17.48 -17.47
CA ASP D 97 -49.79 16.33 -16.93
C ASP D 97 -49.80 16.38 -15.41
N VAL D 98 -48.68 16.76 -14.79
CA VAL D 98 -48.64 16.87 -13.34
C VAL D 98 -49.64 17.90 -12.85
N GLU D 99 -49.64 19.09 -13.46
CA GLU D 99 -50.54 20.15 -12.99
C GLU D 99 -51.99 19.80 -13.26
N ALA D 100 -52.24 19.08 -14.34
CA ALA D 100 -53.58 18.54 -14.58
C ALA D 100 -53.99 17.60 -13.47
N ASP D 101 -53.19 16.59 -13.16
CA ASP D 101 -53.59 15.70 -12.08
C ASP D 101 -53.72 16.44 -10.75
N ARG D 102 -52.89 17.46 -10.52
CA ARG D 102 -52.92 18.25 -9.30
C ARG D 102 -54.05 19.28 -9.25
N HIS D 103 -54.85 19.42 -10.31
CA HIS D 103 -56.05 20.26 -10.14
C HIS D 103 -57.33 19.61 -10.65
N LEU D 104 -57.26 18.97 -11.81
CA LEU D 104 -58.37 18.39 -12.55
C LEU D 104 -58.55 16.91 -12.27
N GLY D 105 -57.59 16.26 -11.61
CA GLY D 105 -57.67 14.85 -11.30
C GLY D 105 -57.44 13.91 -12.46
N LEU D 106 -57.13 14.41 -13.64
CA LEU D 106 -56.78 13.55 -14.77
C LEU D 106 -55.51 12.77 -14.46
N PRO D 107 -55.56 11.44 -14.42
CA PRO D 107 -54.43 10.66 -13.91
C PRO D 107 -53.21 10.67 -14.82
N ILE D 108 -52.04 10.62 -14.20
CA ILE D 108 -50.77 10.58 -14.90
C ILE D 108 -50.76 9.49 -15.96
N ASP D 109 -50.12 9.78 -17.10
CA ASP D 109 -49.90 8.82 -18.17
C ASP D 109 -48.80 7.80 -17.82
N VAL D 110 -49.05 7.04 -16.76
CA VAL D 110 -48.08 6.07 -16.24
C VAL D 110 -47.73 4.98 -17.24
N SER D 111 -48.42 4.91 -18.38
CA SER D 111 -47.97 4.05 -19.48
C SER D 111 -46.52 4.29 -19.87
N THR D 112 -46.01 5.50 -19.67
CA THR D 112 -44.57 5.73 -19.81
C THR D 112 -43.76 4.85 -18.87
N ALA D 113 -44.09 4.89 -17.57
CA ALA D 113 -43.44 4.03 -16.58
C ALA D 113 -43.58 2.55 -16.93
N ALA D 114 -44.76 2.12 -17.37
CA ALA D 114 -44.92 0.74 -17.82
C ALA D 114 -44.00 0.40 -19.00
N VAL D 115 -43.87 1.30 -19.97
CA VAL D 115 -42.99 1.04 -21.11
C VAL D 115 -41.54 0.94 -20.68
N ALA D 116 -41.12 1.81 -19.76
CA ALA D 116 -39.77 1.72 -19.20
C ALA D 116 -39.55 0.40 -18.46
N GLY D 117 -40.50 0.03 -17.59
CA GLY D 117 -40.42 -1.27 -16.93
C GLY D 117 -40.30 -2.44 -17.90
N ASN D 118 -41.10 -2.43 -18.96
CA ASN D 118 -40.99 -3.48 -19.97
C ASN D 118 -39.61 -3.50 -20.62
N PHE D 119 -39.08 -2.33 -20.97
CA PHE D 119 -37.78 -2.29 -21.65
C PHE D 119 -36.64 -2.75 -20.75
N VAL D 120 -36.63 -2.33 -19.48
CA VAL D 120 -35.62 -2.85 -18.57
C VAL D 120 -35.80 -4.34 -18.32
N ALA D 121 -37.05 -4.83 -18.25
CA ALA D 121 -37.24 -6.27 -18.08
C ALA D 121 -36.71 -7.06 -19.28
N VAL D 122 -36.95 -6.54 -20.48
CA VAL D 122 -36.36 -7.14 -21.69
C VAL D 122 -34.85 -7.14 -21.62
N GLN D 123 -34.25 -6.05 -21.11
CA GLN D 123 -32.80 -6.02 -21.02
C GLN D 123 -32.27 -6.98 -19.96
N GLU D 124 -32.99 -7.12 -18.85
CA GLU D 124 -32.67 -8.13 -17.85
C GLU D 124 -32.66 -9.53 -18.45
N ASP D 125 -33.72 -9.90 -19.16
CA ASP D 125 -33.74 -11.19 -19.84
C ASP D 125 -32.61 -11.32 -20.85
N HIS D 126 -32.31 -10.25 -21.60
CA HIS D 126 -31.26 -10.36 -22.60
C HIS D 126 -29.90 -10.56 -21.96
N LEU D 127 -29.64 -9.84 -20.87
CA LEU D 127 -28.43 -10.07 -20.08
C LEU D 127 -28.35 -11.52 -19.60
N ILE D 128 -29.44 -12.03 -19.04
CA ILE D 128 -29.38 -13.35 -18.41
C ILE D 128 -29.18 -14.44 -19.47
N PHE D 129 -30.02 -14.47 -20.50
CA PHE D 129 -29.89 -15.52 -21.51
C PHE D 129 -28.65 -15.34 -22.37
N ASN D 130 -28.45 -14.14 -22.93
CA ASN D 130 -27.41 -13.94 -23.93
C ASN D 130 -26.07 -13.53 -23.34
N GLY D 131 -26.02 -13.19 -22.06
CA GLY D 131 -24.83 -12.60 -21.49
C GLY D 131 -24.59 -11.20 -22.04
N ASN D 132 -23.38 -10.71 -21.80
CA ASN D 132 -22.91 -9.49 -22.44
C ASN D 132 -21.41 -9.56 -22.64
N VAL D 133 -20.93 -8.97 -23.73
CA VAL D 133 -19.51 -8.98 -24.05
C VAL D 133 -18.77 -7.96 -23.20
N GLU D 134 -19.21 -6.71 -23.23
CA GLU D 134 -18.44 -5.60 -22.67
C GLU D 134 -18.34 -5.71 -21.15
N LEU D 135 -19.44 -6.08 -20.49
CA LEU D 135 -19.38 -6.35 -19.05
C LEU D 135 -18.56 -7.60 -18.74
N GLY D 136 -18.38 -8.48 -19.71
CA GLY D 136 -17.77 -9.77 -19.46
C GLY D 136 -18.66 -10.78 -18.77
N HIS D 137 -19.95 -10.52 -18.67
CA HIS D 137 -20.88 -11.46 -18.06
C HIS D 137 -21.14 -12.59 -19.05
N ASP D 138 -20.71 -13.79 -18.70
CA ASP D 138 -21.20 -14.98 -19.38
C ASP D 138 -22.66 -15.24 -19.03
N GLY D 139 -23.44 -15.64 -20.04
CA GLY D 139 -24.81 -16.03 -19.84
C GLY D 139 -25.02 -17.53 -20.06
N LEU D 140 -26.29 -17.92 -19.92
CA LEU D 140 -26.64 -19.33 -20.00
C LEU D 140 -26.19 -19.97 -21.31
N PHE D 141 -26.28 -19.23 -22.40
CA PHE D 141 -25.85 -19.73 -23.71
C PHE D 141 -24.34 -19.56 -23.95
N THR D 142 -23.62 -18.94 -23.04
CA THR D 142 -22.21 -18.61 -23.27
C THR D 142 -21.25 -19.31 -22.30
N VAL D 143 -21.69 -19.62 -21.09
CA VAL D 143 -20.79 -20.17 -20.08
C VAL D 143 -20.16 -21.45 -20.59
N LYS D 144 -18.83 -21.55 -20.46
CA LYS D 144 -18.09 -22.55 -21.20
C LYS D 144 -18.28 -23.96 -20.63
N ASP D 145 -18.54 -24.06 -19.32
CA ASP D 145 -18.59 -25.34 -18.64
C ASP D 145 -19.99 -25.95 -18.64
N ARG D 146 -20.87 -25.45 -19.50
CA ARG D 146 -22.20 -26.05 -19.68
C ARG D 146 -22.12 -27.32 -20.51
N GLN D 147 -23.08 -28.21 -20.29
CA GLN D 147 -23.30 -29.32 -21.18
C GLN D 147 -23.81 -28.83 -22.53
N THR D 148 -23.53 -29.60 -23.59
CA THR D 148 -23.97 -29.25 -24.93
C THR D 148 -24.44 -30.51 -25.65
N VAL D 149 -25.62 -30.43 -26.25
CA VAL D 149 -26.18 -31.49 -27.08
C VAL D 149 -26.38 -30.94 -28.48
N ALA D 150 -25.77 -31.59 -29.47
CA ALA D 150 -25.93 -31.17 -30.86
C ALA D 150 -27.38 -31.34 -31.31
N ILE D 151 -28.04 -30.21 -31.57
CA ILE D 151 -29.47 -30.23 -31.85
C ILE D 151 -29.76 -30.96 -33.17
N SER D 152 -30.79 -31.79 -33.14
CA SER D 152 -31.27 -32.45 -34.35
C SER D 152 -32.15 -31.50 -35.16
N ASP D 153 -32.53 -31.96 -36.35
CA ASP D 153 -33.48 -31.24 -37.21
C ASP D 153 -34.90 -31.47 -36.69
N TRP D 154 -35.36 -30.57 -35.83
CA TRP D 154 -36.66 -30.71 -35.18
C TRP D 154 -37.84 -30.62 -36.14
N ASN D 155 -37.61 -30.43 -37.43
CA ASN D 155 -38.67 -30.66 -38.41
C ASN D 155 -39.13 -32.11 -38.43
N GLU D 156 -38.28 -33.04 -38.02
CA GLU D 156 -38.67 -34.43 -37.90
C GLU D 156 -39.37 -34.70 -36.58
N THR D 157 -40.47 -35.44 -36.65
CA THR D 157 -41.29 -35.71 -35.47
C THR D 157 -40.51 -36.43 -34.39
N GLY D 158 -40.70 -36.00 -33.15
CA GLY D 158 -40.07 -36.61 -31.99
C GLY D 158 -38.60 -36.30 -31.81
N ALA D 159 -37.92 -35.79 -32.84
CA ALA D 159 -36.52 -35.43 -32.70
C ALA D 159 -36.31 -34.42 -31.58
N ALA D 160 -37.27 -33.50 -31.40
CA ALA D 160 -37.19 -32.53 -30.30
C ALA D 160 -37.20 -33.23 -28.95
N LEU D 161 -38.15 -34.14 -28.75
CA LEU D 161 -38.20 -34.90 -27.50
C LEU D 161 -37.01 -35.84 -27.35
N ALA D 162 -36.50 -36.40 -28.46
CA ALA D 162 -35.27 -37.18 -28.39
C ALA D 162 -34.08 -36.34 -27.93
N ASP D 163 -34.00 -35.09 -28.38
CA ASP D 163 -32.95 -34.18 -27.92
C ASP D 163 -33.14 -33.78 -26.47
N VAL D 164 -34.38 -33.57 -26.03
CA VAL D 164 -34.65 -33.40 -24.60
C VAL D 164 -34.20 -34.62 -23.80
N VAL D 165 -34.48 -35.82 -24.31
CA VAL D 165 -34.01 -37.04 -23.67
C VAL D 165 -32.50 -37.05 -23.54
N LYS D 166 -31.80 -36.72 -24.63
CA LYS D 166 -30.35 -36.57 -24.59
C LYS D 166 -29.91 -35.57 -23.52
N ALA D 167 -30.56 -34.42 -23.47
CA ALA D 167 -30.12 -33.34 -22.59
C ALA D 167 -30.31 -33.68 -21.13
N VAL D 168 -31.48 -34.23 -20.78
CA VAL D 168 -31.69 -34.72 -19.41
C VAL D 168 -30.83 -35.94 -19.10
N GLY D 169 -30.48 -36.75 -20.09
CA GLY D 169 -29.42 -37.73 -19.94
C GLY D 169 -28.10 -37.13 -19.48
N ALA D 170 -27.62 -36.14 -20.24
CA ALA D 170 -26.37 -35.47 -19.91
C ALA D 170 -26.41 -34.82 -18.54
N LEU D 171 -27.51 -34.16 -18.19
CA LEU D 171 -27.67 -33.60 -16.85
C LEU D 171 -27.62 -34.69 -15.77
N SER D 172 -28.29 -35.82 -16.01
CA SER D 172 -28.28 -36.90 -15.04
C SER D 172 -26.88 -37.50 -14.88
N GLN D 173 -26.15 -37.62 -15.99
CA GLN D 173 -24.76 -38.07 -15.93
C GLN D 173 -23.91 -37.18 -15.01
N ALA D 174 -24.15 -35.87 -15.04
CA ALA D 174 -23.46 -34.99 -14.11
C ALA D 174 -24.13 -34.93 -12.74
N GLY D 175 -25.05 -35.85 -12.45
CA GLY D 175 -25.66 -35.90 -11.14
C GLY D 175 -26.62 -34.79 -10.83
N HIS D 176 -27.07 -34.03 -11.84
CA HIS D 176 -28.19 -33.10 -11.69
C HIS D 176 -29.47 -33.83 -12.06
N TYR D 177 -30.12 -34.39 -11.05
CA TYR D 177 -31.50 -34.84 -11.17
C TYR D 177 -32.45 -33.64 -11.21
N GLY D 178 -33.68 -33.90 -11.62
CA GLY D 178 -34.68 -32.86 -11.73
C GLY D 178 -35.05 -32.21 -10.42
N PRO D 179 -35.99 -31.26 -10.45
CA PRO D 179 -36.86 -30.91 -11.57
C PRO D 179 -36.16 -30.03 -12.59
N TYR D 180 -36.19 -30.46 -13.85
CA TYR D 180 -35.67 -29.68 -14.95
C TYR D 180 -36.70 -28.67 -15.45
N ALA D 181 -36.20 -27.58 -16.04
CA ALA D 181 -37.02 -26.67 -16.81
C ALA D 181 -36.28 -26.29 -18.09
N MET D 182 -37.04 -25.85 -19.09
CA MET D 182 -36.48 -25.56 -20.40
C MET D 182 -37.01 -24.22 -20.90
N VAL D 183 -36.20 -23.52 -21.69
CA VAL D 183 -36.63 -22.34 -22.42
C VAL D 183 -36.19 -22.49 -23.88
N VAL D 184 -37.08 -22.15 -24.80
CA VAL D 184 -36.91 -22.46 -26.22
C VAL D 184 -37.04 -21.17 -27.02
N SER D 185 -36.21 -21.03 -28.06
CA SER D 185 -36.40 -19.94 -29.00
C SER D 185 -37.67 -20.15 -29.80
N PRO D 186 -38.52 -19.11 -29.95
CA PRO D 186 -39.83 -19.32 -30.58
C PRO D 186 -39.77 -19.89 -31.99
N VAL D 187 -38.65 -19.71 -32.70
CA VAL D 187 -38.45 -20.40 -33.97
C VAL D 187 -38.52 -21.91 -33.79
N LEU D 188 -37.88 -22.42 -32.74
CA LEU D 188 -38.05 -23.84 -32.42
C LEU D 188 -39.38 -24.13 -31.75
N PHE D 189 -39.91 -23.18 -30.97
CA PHE D 189 -41.15 -23.43 -30.26
C PHE D 189 -42.30 -23.71 -31.23
N GLY D 190 -42.37 -22.96 -32.32
CA GLY D 190 -43.31 -23.29 -33.38
C GLY D 190 -43.13 -24.68 -33.95
N ARG D 191 -41.88 -25.12 -34.07
CA ARG D 191 -41.59 -26.48 -34.55
C ARG D 191 -42.02 -27.54 -33.56
N MET D 192 -41.94 -27.27 -32.26
CA MET D 192 -42.49 -28.19 -31.28
C MET D 192 -44.01 -28.22 -31.31
N ILE D 193 -44.65 -27.13 -31.74
CA ILE D 193 -46.10 -27.12 -31.80
C ILE D 193 -46.60 -27.81 -33.07
N ARG D 194 -46.00 -27.50 -34.23
CA ARG D 194 -46.72 -27.64 -35.48
C ARG D 194 -45.88 -28.28 -36.57
N VAL D 195 -44.65 -27.80 -36.76
CA VAL D 195 -44.00 -27.90 -38.06
C VAL D 195 -43.74 -29.36 -38.44
N PHE D 196 -43.73 -30.25 -37.46
CA PHE D 196 -43.67 -31.69 -37.73
C PHE D 196 -44.93 -32.20 -38.42
N GLY D 197 -46.00 -31.41 -38.41
CA GLY D 197 -47.28 -31.85 -38.94
C GLY D 197 -48.33 -31.95 -37.85
N TRP D 198 -48.71 -33.17 -37.49
CA TRP D 198 -49.69 -33.38 -36.43
C TRP D 198 -49.29 -34.62 -35.63
N THR D 199 -49.71 -34.64 -34.37
CA THR D 199 -49.64 -35.80 -33.49
C THR D 199 -50.79 -35.73 -32.49
N GLY D 200 -51.10 -36.88 -31.89
CA GLY D 200 -52.25 -36.95 -30.99
C GLY D 200 -52.20 -35.98 -29.82
N MET D 201 -51.03 -35.46 -29.48
CA MET D 201 -50.93 -34.15 -28.85
C MET D 201 -49.68 -33.46 -29.34
N LEU D 202 -49.59 -32.17 -29.03
CA LEU D 202 -48.40 -31.39 -29.34
C LEU D 202 -47.17 -32.07 -28.75
N GLU D 203 -46.06 -31.99 -29.47
CA GLU D 203 -44.79 -32.45 -28.90
C GLU D 203 -44.42 -31.62 -27.68
N LEU D 204 -44.92 -30.39 -27.59
CA LEU D 204 -44.85 -29.63 -26.34
C LEU D 204 -45.49 -30.38 -25.18
N ASP D 205 -46.70 -30.92 -25.40
CA ASP D 205 -47.35 -31.64 -24.31
C ASP D 205 -46.62 -32.93 -23.96
N GLN D 206 -45.90 -33.52 -24.93
CA GLN D 206 -45.02 -34.64 -24.63
C GLN D 206 -43.84 -34.23 -23.76
N VAL D 207 -43.21 -33.10 -24.10
CA VAL D 207 -42.09 -32.60 -23.30
C VAL D 207 -42.53 -32.22 -21.89
N LYS D 208 -43.71 -31.61 -21.77
CA LYS D 208 -44.22 -31.25 -20.43
C LYS D 208 -44.34 -32.44 -19.50
N ALA D 209 -44.42 -33.67 -20.02
CA ALA D 209 -44.44 -34.83 -19.15
C ALA D 209 -43.09 -35.07 -18.49
N LEU D 210 -41.99 -34.75 -19.18
CA LEU D 210 -40.65 -34.99 -18.67
C LEU D 210 -40.07 -33.76 -17.98
N ILE D 211 -40.20 -32.59 -18.60
CA ILE D 211 -39.65 -31.36 -18.06
C ILE D 211 -40.67 -30.68 -17.14
N THR D 212 -40.83 -31.24 -15.94
CA THR D 212 -41.92 -30.91 -15.03
C THR D 212 -41.80 -29.52 -14.42
N GLY D 213 -40.66 -28.85 -14.57
CA GLY D 213 -40.58 -27.46 -14.15
C GLY D 213 -41.18 -26.47 -15.11
N GLY D 214 -41.60 -26.92 -16.28
CA GLY D 214 -42.22 -26.06 -17.27
C GLY D 214 -41.38 -25.91 -18.52
N VAL D 215 -42.05 -25.63 -19.64
CA VAL D 215 -41.42 -25.24 -20.89
C VAL D 215 -41.85 -23.81 -21.21
N HIS D 216 -40.90 -22.99 -21.66
CA HIS D 216 -41.18 -21.60 -21.96
C HIS D 216 -40.48 -21.22 -23.25
N TYR D 217 -40.89 -20.09 -23.81
CA TYR D 217 -40.19 -19.48 -24.93
C TYR D 217 -39.89 -18.03 -24.64
N SER D 218 -38.88 -17.49 -25.32
CA SER D 218 -38.63 -16.06 -25.32
C SER D 218 -37.91 -15.67 -26.60
N ASN D 219 -38.48 -14.67 -27.29
CA ASN D 219 -37.86 -14.10 -28.49
C ASN D 219 -36.48 -13.53 -28.22
N VAL D 220 -36.12 -13.30 -26.96
CA VAL D 220 -34.77 -12.90 -26.59
C VAL D 220 -33.73 -13.89 -27.09
N ILE D 221 -34.06 -15.17 -27.14
CA ILE D 221 -33.10 -16.19 -27.56
C ILE D 221 -33.12 -16.27 -29.08
N GLY D 222 -32.07 -15.76 -29.70
CA GLY D 222 -31.94 -15.84 -31.14
C GLY D 222 -31.60 -17.24 -31.62
N GLY D 223 -31.81 -17.44 -32.91
CA GLY D 223 -31.47 -18.69 -33.58
C GLY D 223 -32.32 -19.87 -33.15
N SER D 224 -31.81 -21.06 -33.48
CA SER D 224 -32.41 -22.33 -33.08
C SER D 224 -31.66 -22.88 -31.87
N LYS D 225 -32.17 -22.58 -30.67
CA LYS D 225 -31.48 -22.97 -29.44
C LYS D 225 -32.52 -23.32 -28.39
N ALA D 226 -32.12 -24.14 -27.44
CA ALA D 226 -32.84 -24.32 -26.19
C ALA D 226 -31.87 -24.52 -25.04
N VAL D 227 -32.23 -23.99 -23.88
CA VAL D 227 -31.50 -24.21 -22.63
C VAL D 227 -32.35 -25.05 -21.71
N VAL D 228 -31.74 -26.08 -21.10
CA VAL D 228 -32.38 -26.88 -20.06
C VAL D 228 -31.66 -26.61 -18.75
N VAL D 229 -32.43 -26.39 -17.69
CA VAL D 229 -31.91 -25.89 -16.42
C VAL D 229 -32.39 -26.79 -15.29
N ALA D 230 -31.46 -27.29 -14.49
CA ALA D 230 -31.78 -27.92 -13.21
C ALA D 230 -32.05 -26.83 -12.19
N THR D 231 -33.34 -26.59 -11.93
CA THR D 231 -33.78 -25.35 -11.28
C THR D 231 -33.33 -25.29 -9.82
N GLY D 232 -33.51 -24.10 -9.25
CA GLY D 232 -33.42 -23.84 -7.83
C GLY D 232 -32.11 -23.21 -7.41
N SER D 233 -32.12 -22.66 -6.19
CA SER D 233 -31.00 -21.93 -5.61
C SER D 233 -29.75 -22.77 -5.43
N GLN D 234 -29.88 -24.09 -5.38
CA GLN D 234 -28.72 -24.96 -5.46
C GLN D 234 -27.86 -24.70 -6.69
N ASN D 235 -28.47 -24.34 -7.81
CA ASN D 235 -27.74 -24.36 -9.07
C ASN D 235 -27.61 -23.00 -9.72
N LEU D 236 -28.62 -22.14 -9.60
CA LEU D 236 -28.58 -20.80 -10.17
C LEU D 236 -29.25 -19.83 -9.21
N ASN D 237 -28.91 -18.55 -9.36
CA ASN D 237 -29.71 -17.49 -8.76
C ASN D 237 -29.65 -16.27 -9.66
N LEU D 238 -30.69 -15.44 -9.54
CA LEU D 238 -30.64 -14.04 -9.94
C LEU D 238 -30.48 -13.19 -8.69
N ALA D 239 -29.35 -12.50 -8.58
CA ALA D 239 -29.08 -11.60 -7.47
C ALA D 239 -29.44 -10.18 -7.89
N LEU D 240 -30.33 -9.53 -7.14
CA LEU D 240 -30.95 -8.31 -7.62
C LEU D 240 -30.09 -7.08 -7.35
N GLY D 241 -29.42 -7.02 -6.21
CA GLY D 241 -28.97 -5.73 -5.74
C GLY D 241 -30.13 -4.85 -5.34
N GLN D 242 -30.47 -3.86 -6.17
CA GLN D 242 -31.68 -3.08 -5.98
C GLN D 242 -32.76 -3.54 -6.97
N ASP D 243 -33.89 -3.98 -6.42
CA ASP D 243 -35.02 -4.43 -7.21
C ASP D 243 -35.63 -3.27 -7.99
N MET D 244 -36.16 -3.59 -9.18
CA MET D 244 -36.60 -2.61 -10.16
C MET D 244 -37.37 -1.45 -9.53
N VAL D 245 -36.79 -0.26 -9.57
CA VAL D 245 -37.29 0.88 -8.80
C VAL D 245 -37.26 2.11 -9.69
N THR D 246 -38.12 3.07 -9.35
CA THR D 246 -38.34 4.27 -10.15
C THR D 246 -37.75 5.48 -9.41
N ALA D 247 -36.85 6.19 -10.08
CA ALA D 247 -36.07 7.25 -9.46
C ALA D 247 -36.28 8.55 -10.21
N TYR D 248 -36.40 9.64 -9.47
CA TYR D 248 -36.45 10.98 -10.06
C TYR D 248 -35.04 11.44 -10.42
N MET D 249 -34.84 11.77 -11.69
CA MET D 249 -33.58 12.32 -12.16
C MET D 249 -33.49 13.83 -12.05
N GLY D 250 -34.58 14.50 -11.66
CA GLY D 250 -34.71 15.93 -11.84
C GLY D 250 -35.31 16.28 -13.19
N PRO D 251 -35.54 17.57 -13.42
CA PRO D 251 -36.13 17.99 -14.70
C PRO D 251 -35.09 18.08 -15.81
N THR D 252 -35.58 17.99 -17.04
CA THR D 252 -34.94 18.59 -18.20
C THR D 252 -36.01 19.30 -19.02
N SER D 253 -35.67 20.49 -19.49
CA SER D 253 -36.66 21.55 -19.76
C SER D 253 -37.52 21.68 -18.51
N MET D 254 -38.77 22.10 -18.66
CA MET D 254 -39.71 21.99 -17.55
C MET D 254 -40.09 20.55 -17.26
N ASN D 255 -39.97 19.66 -18.25
CA ASN D 255 -40.44 18.29 -18.11
C ASN D 255 -39.68 17.55 -17.03
N HIS D 256 -40.41 16.80 -16.20
CA HIS D 256 -39.78 15.90 -15.25
C HIS D 256 -39.27 14.64 -15.97
N VAL D 257 -38.04 14.26 -15.67
CA VAL D 257 -37.46 13.00 -16.13
C VAL D 257 -37.39 12.03 -14.95
N PHE D 258 -37.88 10.81 -15.16
CA PHE D 258 -37.75 9.73 -14.18
C PHE D 258 -36.91 8.59 -14.76
N ARG D 259 -36.26 7.85 -13.86
CA ARG D 259 -35.48 6.68 -14.23
C ARG D 259 -36.06 5.43 -13.56
N VAL D 260 -36.17 4.36 -14.34
CA VAL D 260 -36.27 2.99 -13.83
C VAL D 260 -34.87 2.37 -13.86
N LEU D 261 -34.42 1.84 -12.72
CA LEU D 261 -33.12 1.20 -12.63
C LEU D 261 -33.22 -0.14 -11.90
N GLU D 262 -32.38 -1.09 -12.33
CA GLU D 262 -32.26 -2.38 -11.66
C GLU D 262 -30.84 -2.89 -11.84
N THR D 263 -30.35 -3.63 -10.84
CA THR D 263 -28.95 -4.04 -10.75
C THR D 263 -28.75 -5.56 -10.79
N ALA D 264 -29.60 -6.30 -11.49
CA ALA D 264 -29.56 -7.75 -11.36
C ALA D 264 -28.38 -8.36 -12.10
N ALA D 265 -27.86 -9.46 -11.55
CA ALA D 265 -26.72 -10.17 -12.14
C ALA D 265 -26.91 -11.68 -12.01
N LEU D 266 -26.37 -12.42 -12.98
CA LEU D 266 -26.58 -13.86 -13.10
C LEU D 266 -25.46 -14.62 -12.38
N LEU D 267 -25.82 -15.34 -11.31
CA LEU D 267 -24.87 -16.17 -10.56
C LEU D 267 -24.96 -17.61 -11.04
N VAL D 268 -24.11 -17.97 -12.01
CA VAL D 268 -24.08 -19.33 -12.55
C VAL D 268 -23.32 -20.24 -11.60
N ARG D 269 -23.91 -20.53 -10.43
CA ARG D 269 -23.21 -21.25 -9.39
C ARG D 269 -22.75 -22.65 -9.83
N ARG D 270 -23.47 -23.27 -10.76
CA ARG D 270 -23.16 -24.65 -11.18
C ARG D 270 -23.29 -24.78 -12.69
N PRO D 271 -22.25 -24.43 -13.43
CA PRO D 271 -22.30 -24.62 -14.89
C PRO D 271 -22.64 -26.03 -15.34
N ASP D 272 -22.27 -27.05 -14.56
CA ASP D 272 -22.67 -28.42 -14.88
C ASP D 272 -24.18 -28.63 -14.81
N ALA D 273 -24.92 -27.73 -14.17
CA ALA D 273 -26.37 -27.77 -14.13
C ALA D 273 -27.04 -27.21 -15.36
N ILE D 274 -26.29 -26.66 -16.31
CA ILE D 274 -26.85 -26.12 -17.55
C ILE D 274 -26.50 -27.04 -18.70
N CYS D 275 -27.48 -27.34 -19.54
CA CYS D 275 -27.25 -27.87 -20.87
C CYS D 275 -27.91 -26.96 -21.90
N THR D 276 -27.19 -26.67 -22.98
CA THR D 276 -27.73 -25.98 -24.14
C THR D 276 -27.86 -26.94 -25.31
N ILE D 277 -29.04 -26.98 -25.92
CA ILE D 277 -29.29 -27.77 -27.12
C ILE D 277 -29.19 -26.82 -28.30
N GLU D 278 -28.12 -26.94 -29.07
CA GLU D 278 -27.78 -25.95 -30.08
C GLU D 278 -26.83 -26.52 -31.11
#